data_5OYD
#
_entry.id   5OYD
#
_cell.length_a   55.455
_cell.length_b   97.598
_cell.length_c   157.196
_cell.angle_alpha   90.00
_cell.angle_beta   90.00
_cell.angle_gamma   90.00
#
_symmetry.space_group_name_H-M   'P 21 21 21'
#
loop_
_entity.id
_entity.type
_entity.pdbx_description
1 polymer 'Cellulase, putative, cel5D'
2 branched beta-D-glucopyranose-(1-4)-[alpha-D-xylopyranose-(1-6)]beta-D-glucopyranose-(1-4)-[alpha-D-xylopyranose-(1-6)]beta-D-glucopyranose-(1-4)-N-acetyl-beta-D-glucopyranosylamine
3 branched alpha-D-xylopyranose-(1-6)-beta-D-glucopyranose-(1-4)-[alpha-D-xylopyranose-(1-6)]beta-D-glucopyranose-(1-4)-[alpha-D-xylopyranose-(1-6)]beta-D-glucopyranose-(1-4)-N-acetyl-beta-D-glucopyranosylamine
4 non-polymer GLYCEROL
5 non-polymer 'CHLORIDE ION'
6 non-polymer 'SULFATE ION'
7 water water
#
_entity_poly.entity_id   1
_entity_poly.type   'polypeptide(L)'
_entity_poly.pdbx_seq_one_letter_code
;MGSSHHHHHHSSGLVPRGSHMASGLYPSYNTSPAAPDSTGMQSTAVQLAGKIRLGWNIGNTMEAIGGETAWGNPMVSNEL
LKLVKDSGFDAVRIPVAWDQYANQESAEISAAWLNRVKQVVQMAIDNELYVLINIHWDGGWLENNITPAKKDENNAKQKA
FWEQIATHLRDFDEHLLFAGTNEPNAENAEQMDVLNSYLQTFVDAVRSTGGKNAYRVLVLQGPVTDIEKTNELWTHMPAD
TATDRLMAEVHFYTPYNFALMRQDESWGKQFYYWGEGFLSTTDTERNPTWGEEATIDQLFDLMKTKFVDQGIPVVLGEFS
AMRRTNLTGDALTLHLAGRAYYHKYVTQQALARGLLPFYWDNGGNDNFSSGIFNRQQNTVFDQQVLDALLEGAGAQ
;
_entity_poly.pdbx_strand_id   A,B
#
# COMPACT_ATOMS: atom_id res chain seq x y z
N GLY A 24 23.12 -17.78 -7.38
CA GLY A 24 22.50 -18.75 -8.30
C GLY A 24 21.13 -19.23 -7.85
N LEU A 25 20.31 -18.34 -7.26
CA LEU A 25 18.89 -18.69 -6.96
C LEU A 25 18.11 -19.28 -8.16
N TYR A 26 18.34 -18.76 -9.38
CA TYR A 26 17.74 -19.25 -10.64
C TYR A 26 18.88 -19.38 -11.63
N PRO A 27 18.71 -20.20 -12.67
CA PRO A 27 19.67 -20.22 -13.77
C PRO A 27 19.75 -18.98 -14.64
N SER A 28 20.86 -18.84 -15.36
CA SER A 28 21.03 -17.74 -16.32
C SER A 28 20.09 -18.00 -17.48
N TYR A 29 19.29 -16.99 -17.83
CA TYR A 29 18.49 -17.13 -19.03
C TYR A 29 19.10 -16.35 -20.18
N ASN A 30 20.27 -15.76 -19.98
CA ASN A 30 20.95 -15.07 -21.06
C ASN A 30 21.77 -16.12 -21.80
N THR A 31 21.13 -16.92 -22.65
CA THR A 31 21.73 -18.12 -23.23
C THR A 31 22.10 -18.00 -24.69
N SER A 32 21.57 -17.00 -25.40
CA SER A 32 21.94 -16.80 -26.82
C SER A 32 22.47 -15.38 -27.11
N PRO A 33 23.35 -14.84 -26.25
CA PRO A 33 23.73 -13.43 -26.45
C PRO A 33 24.23 -13.17 -27.83
N ALA A 34 23.77 -12.07 -28.41
CA ALA A 34 24.02 -11.81 -29.79
C ALA A 34 24.98 -10.64 -29.90
N ALA A 35 25.68 -10.53 -31.03
CA ALA A 35 26.49 -9.33 -31.26
C ALA A 35 25.59 -8.07 -31.15
N PRO A 36 26.10 -6.95 -30.55
CA PRO A 36 25.35 -5.70 -30.64
C PRO A 36 24.99 -5.34 -32.07
N ASP A 37 23.75 -4.94 -32.28
CA ASP A 37 23.26 -4.70 -33.65
C ASP A 37 22.54 -3.34 -33.67
N SER A 38 23.18 -2.36 -34.30
CA SER A 38 22.65 -1.01 -34.36
C SER A 38 21.57 -0.84 -35.39
N THR A 39 21.31 -1.88 -36.20
CA THR A 39 20.31 -1.74 -37.30
C THR A 39 18.85 -1.51 -36.86
N GLY A 40 18.21 -0.51 -37.46
CA GLY A 40 16.86 -0.11 -37.09
C GLY A 40 16.78 0.56 -35.72
N MET A 41 17.93 0.77 -35.05
CA MET A 41 18.02 1.28 -33.70
C MET A 41 18.70 2.64 -33.68
N GLN A 42 18.42 3.48 -34.67
CA GLN A 42 19.25 4.67 -34.86
C GLN A 42 18.87 5.85 -33.95
N SER A 43 17.61 5.96 -33.53
CA SER A 43 17.19 7.04 -32.62
C SER A 43 17.65 7.00 -31.15
N THR A 44 17.86 8.19 -30.61
CA THR A 44 18.08 8.37 -29.18
C THR A 44 16.69 8.42 -28.51
N ALA A 45 16.64 8.30 -27.19
CA ALA A 45 15.37 8.43 -26.49
C ALA A 45 14.60 9.70 -26.93
N VAL A 46 15.31 10.83 -26.91
CA VAL A 46 14.75 12.12 -27.38
C VAL A 46 14.16 12.07 -28.78
N GLN A 47 14.89 11.47 -29.73
CA GLN A 47 14.38 11.34 -31.12
C GLN A 47 13.14 10.43 -31.22
N LEU A 48 13.22 9.30 -30.55
CA LEU A 48 12.13 8.32 -30.49
C LEU A 48 10.89 8.98 -29.94
N ALA A 49 11.06 9.73 -28.83
CA ALA A 49 9.97 10.53 -28.22
C ALA A 49 9.31 11.52 -29.14
N GLY A 50 10.09 12.15 -30.02
CA GLY A 50 9.50 13.05 -31.06
C GLY A 50 8.47 12.42 -31.96
N LYS A 51 8.55 11.11 -32.15
CA LYS A 51 7.62 10.37 -33.01
C LYS A 51 6.28 10.08 -32.35
N ILE A 52 6.23 10.10 -31.00
CA ILE A 52 5.03 9.72 -30.25
C ILE A 52 4.34 10.92 -29.60
N ARG A 53 3.07 11.10 -29.95
CA ARG A 53 2.21 12.08 -29.33
C ARG A 53 0.97 11.53 -28.64
N LEU A 54 0.53 10.33 -29.02
CA LEU A 54 -0.60 9.72 -28.32
C LEU A 54 -0.48 8.20 -28.24
N GLY A 55 -0.77 7.66 -27.06
CA GLY A 55 -0.56 6.25 -26.67
C GLY A 55 -1.84 5.71 -26.07
N TRP A 56 -2.08 4.41 -26.23
CA TRP A 56 -3.22 3.73 -25.66
C TRP A 56 -2.69 2.49 -24.93
N ASN A 57 -3.17 2.27 -23.71
CA ASN A 57 -2.90 1.05 -23.00
C ASN A 57 -3.91 -0.01 -23.42
N ILE A 58 -3.40 -1.22 -23.61
CA ILE A 58 -4.20 -2.39 -23.81
C ILE A 58 -4.46 -2.88 -22.38
N GLY A 59 -5.28 -2.13 -21.67
CA GLY A 59 -5.44 -2.40 -20.26
C GLY A 59 -6.29 -3.60 -20.00
N ASN A 60 -6.12 -4.19 -18.82
CA ASN A 60 -6.86 -5.41 -18.42
C ASN A 60 -6.82 -6.60 -19.34
N THR A 61 -5.69 -6.79 -20.00
CA THR A 61 -5.64 -7.80 -21.03
C THR A 61 -4.45 -8.74 -20.80
N MET A 62 -3.26 -8.46 -21.34
CA MET A 62 -2.09 -9.39 -21.18
C MET A 62 -1.54 -9.44 -19.74
N GLU A 63 -1.90 -8.46 -18.94
CA GLU A 63 -1.60 -8.44 -17.53
C GLU A 63 -2.68 -9.02 -16.64
N ALA A 64 -3.77 -9.51 -17.22
CA ALA A 64 -4.87 -10.01 -16.38
C ALA A 64 -4.43 -11.30 -15.65
N ILE A 65 -4.74 -11.34 -14.38
CA ILE A 65 -4.56 -12.54 -13.53
C ILE A 65 -5.60 -13.61 -13.87
N GLY A 66 -5.12 -14.77 -14.29
CA GLY A 66 -5.93 -15.89 -14.72
C GLY A 66 -5.85 -16.09 -16.22
N GLY A 67 -5.18 -15.21 -16.97
CA GLY A 67 -5.11 -15.32 -18.41
C GLY A 67 -5.56 -14.09 -19.16
N GLU A 68 -5.14 -14.01 -20.43
CA GLU A 68 -5.34 -12.84 -21.28
C GLU A 68 -6.80 -12.45 -21.29
N THR A 69 -7.71 -13.42 -21.16
CA THR A 69 -9.15 -13.09 -21.13
C THR A 69 -9.87 -13.13 -19.79
N ALA A 70 -9.16 -13.18 -18.66
CA ALA A 70 -9.85 -13.35 -17.41
C ALA A 70 -10.49 -12.08 -16.89
N TRP A 71 -10.19 -10.92 -17.49
CA TRP A 71 -10.75 -9.67 -16.97
C TRP A 71 -11.67 -9.00 -17.99
N GLY A 72 -12.37 -9.82 -18.78
CA GLY A 72 -13.44 -9.31 -19.58
C GLY A 72 -13.02 -8.95 -20.98
N ASN A 73 -11.73 -8.88 -21.28
CA ASN A 73 -11.34 -8.48 -22.63
C ASN A 73 -10.99 -9.70 -23.48
N PRO A 74 -11.31 -9.69 -24.78
CA PRO A 74 -10.79 -10.73 -25.66
C PRO A 74 -9.28 -10.61 -25.94
N MET A 75 -8.71 -11.70 -26.41
CA MET A 75 -7.32 -11.75 -26.74
C MET A 75 -7.04 -10.59 -27.74
N VAL A 76 -5.89 -9.94 -27.60
CA VAL A 76 -5.47 -8.89 -28.52
C VAL A 76 -5.43 -9.46 -29.95
N SER A 77 -6.11 -8.80 -30.87
CA SER A 77 -6.17 -9.21 -32.25
C SER A 77 -5.62 -8.09 -33.07
N ASN A 78 -5.26 -8.44 -34.29
CA ASN A 78 -4.74 -7.50 -35.24
C ASN A 78 -5.79 -6.45 -35.52
N GLU A 79 -7.06 -6.86 -35.50
CA GLU A 79 -8.12 -5.94 -35.84
C GLU A 79 -8.10 -4.76 -34.85
N LEU A 80 -7.94 -5.07 -33.55
CA LEU A 80 -7.90 -4.10 -32.48
C LEU A 80 -6.74 -3.20 -32.76
N LEU A 81 -5.57 -3.76 -32.98
CA LEU A 81 -4.42 -2.91 -33.18
C LEU A 81 -4.54 -2.00 -34.44
N LYS A 82 -5.29 -2.47 -35.44
CA LYS A 82 -5.53 -1.71 -36.67
C LYS A 82 -6.48 -0.53 -36.44
N LEU A 83 -7.51 -0.77 -35.64
CA LEU A 83 -8.42 0.26 -35.14
C LEU A 83 -7.66 1.32 -34.32
N VAL A 84 -6.76 0.87 -33.44
CA VAL A 84 -5.99 1.77 -32.62
C VAL A 84 -5.14 2.71 -33.48
N LYS A 85 -4.38 2.14 -34.39
CA LYS A 85 -3.58 2.95 -35.29
C LYS A 85 -4.50 3.87 -36.07
N ASP A 86 -5.58 3.32 -36.59
CA ASP A 86 -6.47 4.08 -37.47
C ASP A 86 -7.19 5.20 -36.71
N SER A 87 -7.53 5.00 -35.44
CA SER A 87 -8.09 6.07 -34.65
C SER A 87 -7.13 7.25 -34.38
N GLY A 88 -5.84 7.12 -34.60
CA GLY A 88 -4.89 8.25 -34.41
C GLY A 88 -3.82 8.09 -33.36
N PHE A 89 -3.75 6.90 -32.73
CA PHE A 89 -2.66 6.62 -31.80
C PHE A 89 -1.40 6.21 -32.49
N ASP A 90 -0.27 6.70 -31.99
CA ASP A 90 1.06 6.35 -32.45
C ASP A 90 1.68 5.17 -31.75
N ALA A 91 1.15 4.86 -30.56
CA ALA A 91 1.85 3.93 -29.67
C ALA A 91 0.89 3.17 -28.84
N VAL A 92 1.33 2.01 -28.35
CA VAL A 92 0.54 1.29 -27.33
C VAL A 92 1.47 0.95 -26.21
N ARG A 93 0.92 0.97 -25.02
CA ARG A 93 1.62 0.47 -23.85
C ARG A 93 0.91 -0.81 -23.55
N ILE A 94 1.66 -1.91 -23.40
CA ILE A 94 1.05 -3.19 -23.25
C ILE A 94 1.46 -3.74 -21.90
N PRO A 95 0.61 -3.59 -20.93
CA PRO A 95 0.94 -4.24 -19.64
C PRO A 95 0.93 -5.76 -19.78
N VAL A 96 1.90 -6.42 -19.14
CA VAL A 96 2.03 -7.89 -19.32
C VAL A 96 2.23 -8.54 -17.97
N ALA A 97 1.52 -9.63 -17.73
CA ALA A 97 1.73 -10.43 -16.55
C ALA A 97 2.72 -11.55 -16.97
N TRP A 98 3.57 -11.96 -16.05
CA TRP A 98 4.65 -12.91 -16.33
C TRP A 98 4.76 -14.00 -15.25
N ASP A 99 4.79 -13.58 -13.99
CA ASP A 99 4.95 -14.47 -12.80
C ASP A 99 4.03 -15.70 -12.83
N GLN A 100 2.76 -15.50 -13.16
CA GLN A 100 1.77 -16.60 -13.17
C GLN A 100 2.02 -17.60 -14.27
N TYR A 101 2.77 -17.20 -15.30
CA TYR A 101 3.16 -18.11 -16.34
C TYR A 101 4.54 -18.76 -16.11
N ALA A 102 5.09 -18.64 -14.89
CA ALA A 102 6.47 -18.97 -14.68
C ALA A 102 6.62 -20.11 -13.66
N ASN A 103 7.55 -21.01 -13.96
CA ASN A 103 7.92 -22.07 -13.00
C ASN A 103 8.48 -21.34 -11.81
N GLN A 104 7.90 -21.51 -10.63
CA GLN A 104 8.33 -20.79 -9.48
C GLN A 104 9.65 -21.28 -8.89
N GLU A 105 10.13 -22.48 -9.24
CA GLU A 105 11.45 -22.96 -8.76
C GLU A 105 12.56 -22.36 -9.59
N SER A 106 12.44 -22.45 -10.91
CA SER A 106 13.46 -22.01 -11.84
C SER A 106 13.24 -20.60 -12.47
N ALA A 107 12.05 -20.02 -12.26
CA ALA A 107 11.65 -18.74 -12.89
C ALA A 107 11.61 -18.80 -14.40
N GLU A 108 11.41 -20.01 -14.95
CA GLU A 108 11.24 -20.18 -16.39
C GLU A 108 9.81 -19.81 -16.78
N ILE A 109 9.70 -18.93 -17.77
CA ILE A 109 8.43 -18.46 -18.30
C ILE A 109 8.07 -19.47 -19.40
N SER A 110 6.82 -19.93 -19.39
CA SER A 110 6.23 -20.75 -20.41
C SER A 110 6.60 -20.16 -21.75
N ALA A 111 7.06 -21.04 -22.61
CA ALA A 111 7.46 -20.67 -23.94
C ALA A 111 6.26 -20.22 -24.74
N ALA A 112 5.10 -20.77 -24.42
CA ALA A 112 3.88 -20.48 -25.12
C ALA A 112 3.46 -19.06 -24.80
N TRP A 113 3.57 -18.66 -23.55
CA TRP A 113 3.31 -17.25 -23.20
C TRP A 113 4.26 -16.25 -23.93
N LEU A 114 5.53 -16.63 -23.93
CA LEU A 114 6.53 -15.88 -24.58
C LEU A 114 6.23 -15.75 -26.07
N ASN A 115 5.81 -16.83 -26.73
CA ASN A 115 5.49 -16.73 -28.13
C ASN A 115 4.28 -15.80 -28.39
N ARG A 116 3.34 -15.87 -27.49
CA ARG A 116 2.12 -15.06 -27.51
C ARG A 116 2.42 -13.57 -27.32
N VAL A 117 3.28 -13.23 -26.34
CA VAL A 117 3.64 -11.83 -26.20
C VAL A 117 4.37 -11.36 -27.46
N LYS A 118 5.22 -12.19 -28.03
CA LYS A 118 5.96 -11.88 -29.24
C LYS A 118 5.01 -11.63 -30.36
N GLN A 119 4.04 -12.53 -30.46
CA GLN A 119 3.08 -12.42 -31.56
C GLN A 119 2.29 -11.07 -31.50
N VAL A 120 1.83 -10.70 -30.31
CA VAL A 120 1.15 -9.39 -30.09
C VAL A 120 2.10 -8.22 -30.42
N VAL A 121 3.38 -8.31 -30.01
CA VAL A 121 4.34 -7.28 -30.39
C VAL A 121 4.48 -7.16 -31.93
N GLN A 122 4.54 -8.31 -32.61
CA GLN A 122 4.75 -8.37 -34.04
C GLN A 122 3.62 -7.66 -34.72
N MET A 123 2.39 -7.98 -34.33
CA MET A 123 1.19 -7.35 -34.90
C MET A 123 1.10 -5.83 -34.66
N ALA A 124 1.51 -5.38 -33.47
CA ALA A 124 1.45 -3.96 -33.21
C ALA A 124 2.51 -3.29 -34.10
N ILE A 125 3.64 -3.95 -34.28
CA ILE A 125 4.67 -3.42 -35.16
C ILE A 125 4.26 -3.54 -36.64
N ASP A 126 3.61 -4.62 -37.06
CA ASP A 126 2.95 -4.66 -38.39
C ASP A 126 2.03 -3.45 -38.60
N ASN A 127 1.33 -2.95 -37.56
CA ASN A 127 0.43 -1.77 -37.72
C ASN A 127 1.11 -0.40 -37.56
N GLU A 128 2.44 -0.37 -37.65
CA GLU A 128 3.21 0.85 -37.54
C GLU A 128 3.02 1.64 -36.19
N LEU A 129 2.67 0.90 -35.13
CA LEU A 129 2.67 1.40 -33.76
C LEU A 129 3.99 1.22 -33.08
N TYR A 130 4.40 2.21 -32.31
CA TYR A 130 5.46 1.98 -31.29
C TYR A 130 4.80 1.15 -30.12
N VAL A 131 5.59 0.34 -29.45
CA VAL A 131 5.13 -0.61 -28.43
C VAL A 131 6.03 -0.62 -27.17
N LEU A 132 5.39 -0.53 -25.99
CA LEU A 132 6.05 -0.52 -24.71
C LEU A 132 5.48 -1.69 -23.90
N ILE A 133 6.33 -2.67 -23.62
CA ILE A 133 5.99 -3.86 -22.89
C ILE A 133 6.59 -3.68 -21.54
N ASN A 134 5.80 -4.06 -20.53
CA ASN A 134 6.37 -4.03 -19.18
C ASN A 134 6.23 -5.37 -18.48
N ILE A 135 6.58 -5.37 -17.20
CA ILE A 135 6.10 -6.34 -16.22
C ILE A 135 5.24 -5.48 -15.37
N HIS A 136 3.95 -5.75 -15.39
CA HIS A 136 3.00 -4.94 -14.68
C HIS A 136 2.98 -5.31 -13.20
N TRP A 137 1.93 -4.93 -12.52
CA TRP A 137 1.70 -5.35 -11.13
C TRP A 137 2.02 -6.82 -10.94
N ASP A 138 1.40 -7.67 -11.78
CA ASP A 138 1.85 -9.05 -11.94
C ASP A 138 1.67 -9.84 -10.63
N GLY A 139 0.62 -9.53 -9.87
CA GLY A 139 0.30 -10.19 -8.61
C GLY A 139 1.07 -9.66 -7.42
N GLY A 140 1.94 -8.66 -7.64
CA GLY A 140 2.58 -7.99 -6.52
C GLY A 140 4.02 -8.36 -6.20
N TRP A 141 4.55 -9.39 -6.83
CA TRP A 141 5.82 -9.93 -6.34
C TRP A 141 6.91 -8.84 -6.23
N LEU A 142 7.07 -7.99 -7.27
CA LEU A 142 8.02 -6.89 -7.18
C LEU A 142 7.38 -5.67 -6.59
N GLU A 143 6.30 -5.26 -7.25
CA GLU A 143 5.67 -3.96 -7.08
C GLU A 143 5.32 -3.59 -5.65
N ASN A 144 4.82 -4.55 -4.87
CA ASN A 144 4.45 -4.32 -3.46
C ASN A 144 5.60 -4.66 -2.49
N ASN A 145 6.79 -4.98 -3.02
CA ASN A 145 7.92 -5.52 -2.21
C ASN A 145 9.22 -4.75 -2.56
N ILE A 146 9.12 -3.45 -2.42
CA ILE A 146 10.25 -2.58 -2.70
C ILE A 146 10.89 -2.40 -1.32
N THR A 147 11.63 -3.43 -0.90
CA THR A 147 11.87 -3.61 0.54
C THR A 147 13.23 -4.30 0.70
N PRO A 148 14.04 -3.93 1.74
CA PRO A 148 15.35 -4.63 1.84
C PRO A 148 15.25 -6.12 2.09
N ALA A 149 14.24 -6.56 2.85
CA ALA A 149 14.02 -8.02 2.98
C ALA A 149 13.85 -8.82 1.64
N LYS A 150 13.26 -8.17 0.62
CA LYS A 150 12.88 -8.83 -0.63
C LYS A 150 13.84 -8.50 -1.73
N LYS A 151 14.75 -7.57 -1.43
CA LYS A 151 15.64 -7.02 -2.42
C LYS A 151 16.36 -8.06 -3.19
N ASP A 152 16.96 -9.04 -2.51
CA ASP A 152 17.78 -10.02 -3.20
C ASP A 152 16.95 -10.98 -4.03
N GLU A 153 15.92 -11.60 -3.48
CA GLU A 153 15.15 -12.55 -4.31
C GLU A 153 14.47 -11.83 -5.51
N ASN A 154 14.04 -10.59 -5.30
CA ASN A 154 13.34 -9.84 -6.34
C ASN A 154 14.33 -9.42 -7.42
N ASN A 155 15.52 -9.00 -7.01
CA ASN A 155 16.60 -8.75 -7.96
C ASN A 155 16.92 -9.96 -8.84
N ALA A 156 16.90 -11.14 -8.20
CA ALA A 156 17.15 -12.38 -8.93
C ALA A 156 16.00 -12.69 -9.93
N LYS A 157 14.75 -12.54 -9.49
CA LYS A 157 13.60 -12.84 -10.35
C LYS A 157 13.51 -11.83 -11.50
N GLN A 158 13.78 -10.55 -11.22
CA GLN A 158 13.83 -9.46 -12.23
C GLN A 158 14.78 -9.80 -13.34
N LYS A 159 15.93 -10.32 -12.91
CA LYS A 159 17.01 -10.62 -13.81
C LYS A 159 16.63 -11.78 -14.71
N ALA A 160 16.19 -12.85 -14.08
CA ALA A 160 15.72 -14.07 -14.80
C ALA A 160 14.61 -13.78 -15.83
N PHE A 161 13.62 -12.97 -15.43
CA PHE A 161 12.45 -12.64 -16.32
C PHE A 161 12.84 -11.72 -17.42
N TRP A 162 13.58 -10.65 -17.09
CA TRP A 162 14.06 -9.73 -18.14
C TRP A 162 15.04 -10.37 -19.10
N GLU A 163 15.91 -11.25 -18.61
CA GLU A 163 16.72 -12.10 -19.52
C GLU A 163 15.87 -12.87 -20.55
N GLN A 164 14.76 -13.45 -20.10
CA GLN A 164 13.86 -14.25 -20.97
C GLN A 164 13.08 -13.38 -21.92
N ILE A 165 12.50 -12.29 -21.40
CA ILE A 165 11.69 -11.39 -22.23
C ILE A 165 12.58 -10.72 -23.28
N ALA A 166 13.70 -10.10 -22.87
CA ALA A 166 14.63 -9.47 -23.81
C ALA A 166 15.21 -10.41 -24.87
N THR A 167 15.61 -11.61 -24.48
CA THR A 167 16.09 -12.57 -25.46
C THR A 167 15.02 -12.88 -26.47
N HIS A 168 13.82 -13.21 -25.99
CA HIS A 168 12.73 -13.61 -26.91
C HIS A 168 12.33 -12.49 -27.85
N LEU A 169 12.45 -11.23 -27.38
CA LEU A 169 11.99 -10.10 -28.20
C LEU A 169 13.13 -9.33 -28.86
N ARG A 170 14.35 -9.91 -28.78
CA ARG A 170 15.58 -9.22 -29.13
C ARG A 170 15.59 -8.60 -30.53
N ASP A 171 14.89 -9.22 -31.48
CA ASP A 171 15.03 -8.85 -32.88
C ASP A 171 14.16 -7.76 -33.39
N PHE A 172 13.27 -7.24 -32.55
CA PHE A 172 12.44 -6.08 -32.95
C PHE A 172 13.27 -4.83 -33.06
N ASP A 173 12.85 -3.96 -33.98
CA ASP A 173 13.58 -2.72 -34.15
C ASP A 173 13.15 -1.73 -33.02
N GLU A 174 13.51 -0.47 -33.18
CA GLU A 174 13.21 0.58 -32.20
C GLU A 174 11.74 0.91 -31.94
N HIS A 175 10.83 0.30 -32.71
CA HIS A 175 9.40 0.37 -32.43
C HIS A 175 9.04 -0.32 -31.11
N LEU A 176 9.91 -1.16 -30.59
CA LEU A 176 9.69 -1.85 -29.33
C LEU A 176 10.62 -1.23 -28.30
N LEU A 177 10.00 -0.68 -27.27
CA LEU A 177 10.65 -0.23 -26.01
C LEU A 177 10.26 -1.22 -24.87
N PHE A 178 11.12 -1.32 -23.85
CA PHE A 178 10.81 -2.04 -22.61
C PHE A 178 10.60 -1.13 -21.38
N ALA A 179 9.67 -1.47 -20.49
CA ALA A 179 9.56 -0.75 -19.21
C ALA A 179 9.68 -1.76 -18.10
N GLY A 180 10.54 -1.47 -17.14
CA GLY A 180 11.05 -2.47 -16.24
C GLY A 180 10.09 -2.90 -15.17
N THR A 181 9.28 -1.96 -14.74
CA THR A 181 8.28 -2.14 -13.68
C THR A 181 7.04 -1.33 -14.08
N ASN A 182 6.01 -1.33 -13.23
CA ASN A 182 4.76 -0.58 -13.41
C ASN A 182 4.69 0.54 -12.41
N GLU A 183 4.28 0.24 -11.18
CA GLU A 183 3.99 1.24 -10.15
C GLU A 183 4.65 0.82 -8.80
N PRO A 184 5.98 0.78 -8.76
CA PRO A 184 6.63 0.28 -7.54
C PRO A 184 6.30 1.07 -6.31
N ASN A 185 5.92 0.37 -5.25
CA ASN A 185 5.45 1.00 -4.06
C ASN A 185 6.67 1.45 -3.20
N ALA A 186 7.34 2.54 -3.57
CA ALA A 186 8.44 3.15 -2.77
C ALA A 186 8.01 4.49 -2.32
N GLU A 187 7.87 4.68 -0.99
CA GLU A 187 7.35 5.93 -0.39
C GLU A 187 8.36 6.74 0.45
N ASN A 188 9.62 6.29 0.49
CA ASN A 188 10.71 6.88 1.27
C ASN A 188 12.09 6.53 0.63
N ALA A 189 13.18 7.06 1.15
CA ALA A 189 14.46 6.94 0.42
C ALA A 189 15.06 5.57 0.53
N GLU A 190 14.77 4.85 1.62
CA GLU A 190 15.23 3.49 1.76
C GLU A 190 14.60 2.59 0.63
N GLN A 191 13.28 2.68 0.49
CA GLN A 191 12.56 1.90 -0.56
C GLN A 191 13.06 2.42 -1.97
N MET A 192 13.24 3.73 -2.09
CA MET A 192 13.80 4.27 -3.37
C MET A 192 15.16 3.68 -3.71
N ASP A 193 16.01 3.40 -2.73
CA ASP A 193 17.31 2.77 -3.04
C ASP A 193 17.15 1.35 -3.52
N VAL A 194 16.16 0.63 -2.99
CA VAL A 194 15.84 -0.73 -3.47
C VAL A 194 15.31 -0.66 -4.91
N LEU A 195 14.41 0.28 -5.18
CA LEU A 195 13.89 0.46 -6.55
C LEU A 195 15.01 0.73 -7.51
N ASN A 196 15.98 1.57 -7.11
CA ASN A 196 17.08 1.88 -8.03
C ASN A 196 17.82 0.61 -8.41
N SER A 197 17.99 -0.29 -7.44
CA SER A 197 18.60 -1.55 -7.69
C SER A 197 17.76 -2.44 -8.67
N TYR A 198 16.44 -2.47 -8.47
CA TYR A 198 15.54 -3.23 -9.32
C TYR A 198 15.61 -2.69 -10.76
N LEU A 199 15.76 -1.38 -10.89
CA LEU A 199 15.86 -0.73 -12.20
C LEU A 199 17.22 -1.01 -12.90
N GLN A 200 18.33 -1.04 -12.12
CA GLN A 200 19.68 -1.32 -12.66
C GLN A 200 19.74 -2.75 -13.12
N THR A 201 19.12 -3.63 -12.37
CA THR A 201 19.01 -5.02 -12.75
C THR A 201 18.28 -5.21 -14.08
N PHE A 202 17.17 -4.52 -14.22
CA PHE A 202 16.43 -4.54 -15.47
C PHE A 202 17.36 -4.13 -16.58
N VAL A 203 17.96 -2.93 -16.47
CA VAL A 203 18.84 -2.40 -17.56
C VAL A 203 19.96 -3.40 -17.90
N ASP A 204 20.67 -3.89 -16.89
CA ASP A 204 21.77 -4.87 -17.09
C ASP A 204 21.28 -6.20 -17.72
N ALA A 205 20.13 -6.70 -17.25
CA ALA A 205 19.53 -7.85 -17.92
C ALA A 205 19.45 -7.65 -19.44
N VAL A 206 18.82 -6.58 -19.86
CA VAL A 206 18.39 -6.41 -21.23
C VAL A 206 19.61 -6.25 -22.08
N ARG A 207 20.52 -5.41 -21.61
CA ARG A 207 21.78 -5.11 -22.33
C ARG A 207 22.59 -6.37 -22.55
N SER A 208 22.79 -7.16 -21.48
CA SER A 208 23.47 -8.48 -21.56
C SER A 208 23.06 -9.39 -22.73
N THR A 209 21.80 -9.35 -23.18
CA THR A 209 21.32 -10.24 -24.25
C THR A 209 21.83 -9.82 -25.63
N GLY A 210 22.32 -8.59 -25.74
CA GLY A 210 22.96 -8.14 -26.95
C GLY A 210 21.95 -7.97 -28.05
N GLY A 211 22.44 -8.05 -29.29
CA GLY A 211 21.60 -7.79 -30.43
C GLY A 211 21.14 -6.34 -30.40
N LYS A 212 19.94 -6.10 -30.93
CA LYS A 212 19.34 -4.79 -30.87
C LYS A 212 19.05 -4.37 -29.42
N ASN A 213 19.05 -5.30 -28.47
CA ASN A 213 18.89 -4.92 -27.07
C ASN A 213 20.08 -4.12 -26.51
N ALA A 214 21.22 -4.12 -27.20
CA ALA A 214 22.35 -3.29 -26.76
C ALA A 214 22.04 -1.81 -26.87
N TYR A 215 21.12 -1.46 -27.77
CA TYR A 215 20.74 -0.06 -28.02
C TYR A 215 19.30 0.30 -27.73
N ARG A 216 18.46 -0.68 -27.40
CA ARG A 216 17.01 -0.41 -27.29
C ARG A 216 16.70 0.58 -26.16
N VAL A 217 15.71 1.44 -26.40
CA VAL A 217 15.30 2.44 -25.44
C VAL A 217 14.50 1.77 -24.34
N LEU A 218 14.85 2.10 -23.11
CA LEU A 218 14.25 1.47 -21.93
C LEU A 218 13.56 2.55 -21.11
N VAL A 219 12.52 2.18 -20.34
CA VAL A 219 11.70 3.14 -19.61
C VAL A 219 11.72 2.74 -18.14
N LEU A 220 12.02 3.73 -17.28
CA LEU A 220 12.24 3.52 -15.88
C LEU A 220 11.20 4.28 -15.12
N GLN A 221 10.72 3.66 -14.05
CA GLN A 221 9.57 4.15 -13.33
C GLN A 221 9.97 4.85 -12.05
N GLY A 222 9.25 5.93 -11.78
CA GLY A 222 9.42 6.68 -10.56
C GLY A 222 8.70 5.97 -9.42
N PRO A 223 8.98 6.41 -8.19
CA PRO A 223 8.31 5.81 -7.05
C PRO A 223 6.83 6.00 -7.17
N VAL A 224 6.11 4.87 -7.19
CA VAL A 224 4.65 4.80 -7.27
C VAL A 224 4.11 5.60 -8.50
N THR A 225 5.00 5.76 -9.49
CA THR A 225 4.77 6.55 -10.71
C THR A 225 4.03 7.82 -10.39
N ASP A 226 4.43 8.44 -9.28
CA ASP A 226 3.72 9.59 -8.74
C ASP A 226 4.66 10.74 -8.95
N ILE A 227 4.13 11.76 -9.61
CA ILE A 227 4.96 12.93 -9.88
C ILE A 227 5.66 13.52 -8.64
N GLU A 228 4.91 13.72 -7.56
CA GLU A 228 5.40 14.44 -6.35
C GLU A 228 6.49 13.61 -5.64
N LYS A 229 6.17 12.33 -5.38
CA LYS A 229 7.19 11.41 -4.85
C LYS A 229 8.44 11.18 -5.73
N THR A 230 8.29 11.23 -7.05
CA THR A 230 9.42 11.17 -7.99
C THR A 230 10.33 12.39 -7.87
N ASN A 231 9.72 13.57 -7.94
CA ASN A 231 10.44 14.84 -7.69
C ASN A 231 11.21 14.81 -6.34
N GLU A 232 10.50 14.50 -5.25
CA GLU A 232 11.11 14.38 -3.90
C GLU A 232 12.19 13.28 -3.81
N LEU A 233 11.94 12.06 -4.31
CA LEU A 233 12.86 10.95 -4.02
C LEU A 233 13.86 10.59 -5.10
N TRP A 234 13.56 10.90 -6.35
CA TRP A 234 14.37 10.36 -7.43
C TRP A 234 15.71 11.02 -7.35
N THR A 235 16.76 10.23 -7.54
CA THR A 235 18.14 10.71 -7.50
C THR A 235 18.81 10.61 -8.90
N HIS A 236 18.74 9.46 -9.55
CA HIS A 236 19.49 9.25 -10.78
C HIS A 236 18.89 8.08 -11.57
N MET A 237 19.35 8.01 -12.81
CA MET A 237 19.04 7.01 -13.80
C MET A 237 20.00 5.84 -13.54
N PRO A 238 19.58 4.59 -13.85
CA PRO A 238 20.55 3.52 -13.73
C PRO A 238 21.70 3.76 -14.68
N ALA A 239 22.87 3.21 -14.38
CA ALA A 239 23.98 3.22 -15.36
C ALA A 239 23.65 2.38 -16.59
N ASP A 240 24.01 2.88 -17.78
CA ASP A 240 23.75 2.24 -19.06
C ASP A 240 25.01 2.19 -19.96
N THR A 241 25.34 1.03 -20.51
CA THR A 241 26.32 0.92 -21.58
C THR A 241 25.93 1.66 -22.88
N ALA A 242 24.63 1.75 -23.18
CA ALA A 242 24.13 2.59 -24.26
C ALA A 242 24.13 4.08 -23.87
N THR A 243 24.18 4.94 -24.88
CA THR A 243 24.22 6.40 -24.73
C THR A 243 22.89 6.99 -25.12
N ASP A 244 22.24 7.73 -24.20
CA ASP A 244 20.94 8.42 -24.45
C ASP A 244 19.79 7.48 -24.88
N ARG A 245 19.59 6.39 -24.16
CA ARG A 245 18.51 5.43 -24.50
C ARG A 245 17.55 5.15 -23.36
N LEU A 246 17.29 6.15 -22.52
CA LEU A 246 16.47 5.93 -21.31
C LEU A 246 15.45 6.99 -21.22
N MET A 247 14.25 6.60 -20.80
CA MET A 247 13.14 7.50 -20.52
C MET A 247 12.68 7.26 -19.11
N ALA A 248 11.93 8.23 -18.56
CA ALA A 248 11.38 8.10 -17.23
C ALA A 248 9.90 7.89 -17.40
N GLU A 249 9.21 7.31 -16.42
CA GLU A 249 7.79 7.15 -16.49
C GLU A 249 7.07 7.58 -15.16
N VAL A 250 5.99 8.33 -15.34
CA VAL A 250 5.00 8.59 -14.31
C VAL A 250 3.62 8.28 -14.77
N HIS A 251 2.69 8.10 -13.82
CA HIS A 251 1.28 8.00 -14.12
C HIS A 251 0.57 9.24 -13.59
N PHE A 252 -0.70 9.40 -13.92
CA PHE A 252 -1.51 10.56 -13.52
C PHE A 252 -2.94 10.20 -13.43
N TYR A 253 -3.47 10.18 -12.21
CA TYR A 253 -4.88 9.93 -11.92
C TYR A 253 -5.41 11.02 -10.95
N THR A 254 -4.86 12.23 -11.14
CA THR A 254 -5.10 13.35 -10.24
C THR A 254 -6.20 14.25 -10.78
N PRO A 255 -7.23 14.57 -10.00
CA PRO A 255 -7.37 14.20 -8.62
C PRO A 255 -8.13 12.91 -8.49
N TYR A 256 -7.69 12.06 -7.56
CA TYR A 256 -8.36 10.78 -7.33
C TYR A 256 -9.88 10.85 -7.21
N ASN A 257 -10.39 11.89 -6.55
CA ASN A 257 -11.82 12.05 -6.30
C ASN A 257 -12.65 12.08 -7.59
N PHE A 258 -12.10 12.76 -8.60
CA PHE A 258 -12.68 12.76 -9.94
C PHE A 258 -12.37 11.49 -10.75
N ALA A 259 -11.11 11.15 -10.91
CA ALA A 259 -10.69 10.14 -11.90
C ALA A 259 -11.12 8.70 -11.61
N LEU A 260 -11.09 8.32 -10.33
CA LEU A 260 -11.33 6.92 -9.90
C LEU A 260 -12.18 6.66 -8.64
N MET A 261 -12.39 7.65 -7.78
CA MET A 261 -13.17 7.44 -6.54
C MET A 261 -14.63 7.07 -6.79
N ARG A 262 -15.05 5.94 -6.24
CA ARG A 262 -16.38 5.34 -6.48
C ARG A 262 -17.30 5.44 -5.28
N GLN A 263 -16.78 5.83 -4.13
CA GLN A 263 -17.63 6.10 -2.99
C GLN A 263 -17.03 7.16 -2.10
N ASP A 264 -17.92 7.83 -1.40
CA ASP A 264 -17.57 8.85 -0.44
C ASP A 264 -16.93 8.18 0.74
N GLU A 265 -15.99 8.88 1.34
CA GLU A 265 -15.40 8.49 2.58
C GLU A 265 -15.57 9.69 3.52
N SER A 266 -15.18 9.48 4.78
CA SER A 266 -15.20 10.52 5.80
C SER A 266 -14.28 11.71 5.36
N TRP A 267 -13.17 11.35 4.72
CA TRP A 267 -12.14 12.30 4.29
C TRP A 267 -12.35 13.04 2.94
N GLY A 268 -13.39 12.72 2.17
CA GLY A 268 -13.62 13.42 0.90
C GLY A 268 -14.67 12.76 0.06
N LYS A 269 -15.31 13.56 -0.79
CA LYS A 269 -16.38 13.11 -1.65
C LYS A 269 -15.93 12.94 -3.11
N GLN A 270 -16.53 11.95 -3.78
CA GLN A 270 -16.40 11.78 -5.23
C GLN A 270 -16.66 13.17 -5.89
N PHE A 271 -15.78 13.59 -6.81
CA PHE A 271 -16.09 14.71 -7.71
C PHE A 271 -16.75 14.11 -8.97
N TYR A 272 -17.98 14.54 -9.27
CA TYR A 272 -18.64 14.26 -10.58
C TYR A 272 -18.21 15.21 -11.68
N TYR A 273 -17.65 16.38 -11.36
CA TYR A 273 -17.38 17.42 -12.40
C TYR A 273 -16.01 17.94 -12.27
N TRP A 274 -15.51 18.58 -13.33
CA TRP A 274 -14.13 19.05 -13.43
C TRP A 274 -14.02 19.97 -14.62
N GLY A 275 -13.11 20.93 -14.54
CA GLY A 275 -12.80 21.87 -15.63
C GLY A 275 -13.57 23.20 -15.59
N GLU A 276 -12.93 24.29 -15.97
CA GLU A 276 -13.61 25.60 -16.08
C GLU A 276 -14.69 25.41 -17.13
N GLY A 277 -15.92 25.75 -16.76
CA GLY A 277 -17.01 25.66 -17.69
C GLY A 277 -18.03 24.64 -17.33
N PHE A 278 -17.61 23.64 -16.55
CA PHE A 278 -18.38 22.42 -16.42
C PHE A 278 -18.69 22.10 -14.94
N LEU A 279 -18.67 23.13 -14.08
CA LEU A 279 -18.98 22.97 -12.65
C LEU A 279 -20.46 23.19 -12.37
N SER A 280 -20.93 22.58 -11.30
CA SER A 280 -22.33 22.57 -10.99
C SER A 280 -22.63 23.73 -10.06
N THR A 281 -23.86 24.22 -10.17
CA THR A 281 -24.46 25.11 -9.23
C THR A 281 -25.59 24.41 -8.47
N THR A 282 -26.19 23.34 -9.01
CA THR A 282 -27.17 22.53 -8.29
C THR A 282 -26.46 21.75 -7.19
N ASP A 283 -25.44 20.96 -7.59
CA ASP A 283 -24.79 19.95 -6.73
C ASP A 283 -23.30 20.29 -6.55
N THR A 284 -23.08 21.32 -5.74
CA THR A 284 -21.80 22.02 -5.56
C THR A 284 -20.73 21.18 -4.85
N GLU A 285 -21.17 20.30 -3.96
CA GLU A 285 -20.27 19.41 -3.20
C GLU A 285 -19.64 18.30 -4.07
N ARG A 286 -20.21 18.11 -5.27
CA ARG A 286 -19.73 17.26 -6.31
C ARG A 286 -18.74 17.95 -7.27
N ASN A 287 -18.43 19.23 -7.02
CA ASN A 287 -17.33 19.90 -7.75
C ASN A 287 -16.03 19.66 -7.03
N PRO A 288 -14.91 19.92 -7.74
CA PRO A 288 -13.57 19.75 -7.16
C PRO A 288 -13.25 20.74 -6.07
N THR A 289 -12.65 20.26 -4.99
CA THR A 289 -12.01 21.07 -3.96
C THR A 289 -10.54 21.18 -4.19
N TRP A 290 -10.04 20.46 -5.21
CA TRP A 290 -8.62 20.50 -5.60
C TRP A 290 -8.41 19.79 -6.94
N GLY A 291 -7.21 19.89 -7.48
CA GLY A 291 -6.82 19.12 -8.67
C GLY A 291 -7.38 19.68 -9.96
N GLU A 292 -7.43 21.01 -10.07
CA GLU A 292 -8.00 21.65 -11.23
C GLU A 292 -6.80 22.06 -12.10
N GLU A 293 -7.08 22.86 -13.12
CA GLU A 293 -6.18 23.13 -14.21
C GLU A 293 -4.76 23.57 -13.82
N ALA A 294 -4.66 24.43 -12.83
CA ALA A 294 -3.38 24.97 -12.34
C ALA A 294 -2.49 23.91 -11.72
N THR A 295 -3.10 23.00 -10.98
CA THR A 295 -2.35 21.90 -10.32
C THR A 295 -1.70 20.94 -11.36
N ILE A 296 -2.50 20.51 -12.34
CA ILE A 296 -2.00 19.75 -13.48
C ILE A 296 -0.81 20.41 -14.13
N ASP A 297 -0.96 21.71 -14.44
CA ASP A 297 0.14 22.43 -15.11
C ASP A 297 1.36 22.39 -14.22
N GLN A 298 1.16 22.59 -12.92
CA GLN A 298 2.28 22.64 -11.93
C GLN A 298 3.03 21.26 -11.80
N LEU A 299 2.25 20.21 -11.75
CA LEU A 299 2.84 18.88 -11.57
C LEU A 299 3.65 18.48 -12.79
N PHE A 300 3.10 18.72 -14.00
CA PHE A 300 3.83 18.50 -15.25
C PHE A 300 5.11 19.31 -15.33
N ASP A 301 5.12 20.53 -14.80
CA ASP A 301 6.37 21.35 -14.82
C ASP A 301 7.46 20.75 -13.97
N LEU A 302 7.14 20.09 -12.86
CA LEU A 302 8.17 19.35 -12.08
C LEU A 302 8.92 18.33 -12.92
N MET A 303 8.16 17.60 -13.75
CA MET A 303 8.71 16.53 -14.59
C MET A 303 9.48 17.11 -15.77
N LYS A 304 9.00 18.23 -16.28
CA LYS A 304 9.74 18.98 -17.32
C LYS A 304 11.14 19.40 -16.83
N THR A 305 11.22 19.95 -15.61
CA THR A 305 12.53 20.46 -15.14
C THR A 305 13.47 19.34 -14.61
N LYS A 306 12.95 18.33 -13.91
CA LYS A 306 13.77 17.22 -13.43
C LYS A 306 14.30 16.32 -14.54
N PHE A 307 13.49 16.06 -15.56
CA PHE A 307 13.90 15.10 -16.62
C PHE A 307 14.05 15.70 -18.04
N VAL A 308 12.99 16.32 -18.54
CA VAL A 308 12.95 16.66 -19.98
C VAL A 308 14.04 17.66 -20.36
N ASP A 309 14.18 18.72 -19.56
CA ASP A 309 15.24 19.70 -19.75
C ASP A 309 16.61 19.15 -19.55
N GLN A 310 16.74 18.08 -18.77
CA GLN A 310 18.01 17.39 -18.58
C GLN A 310 18.39 16.38 -19.64
N GLY A 311 17.59 16.26 -20.70
CA GLY A 311 17.88 15.36 -21.84
C GLY A 311 17.04 14.08 -21.93
N ILE A 312 16.01 13.97 -21.06
CA ILE A 312 15.34 12.69 -20.73
C ILE A 312 13.86 12.76 -20.93
N PRO A 313 13.32 12.03 -21.95
CA PRO A 313 11.87 12.11 -22.10
C PRO A 313 11.19 11.41 -20.95
N VAL A 314 9.94 11.77 -20.72
CA VAL A 314 9.08 11.26 -19.67
C VAL A 314 7.90 10.58 -20.33
N VAL A 315 7.69 9.29 -20.06
CA VAL A 315 6.44 8.63 -20.51
C VAL A 315 5.38 8.86 -19.46
N LEU A 316 4.24 9.40 -19.87
CA LEU A 316 3.06 9.44 -19.00
C LEU A 316 2.26 8.19 -19.34
N GLY A 317 2.61 7.11 -18.61
CA GLY A 317 2.26 5.76 -18.97
C GLY A 317 0.83 5.38 -18.81
N GLU A 318 0.14 6.08 -17.90
CA GLU A 318 -1.28 5.91 -17.70
C GLU A 318 -1.97 7.22 -17.25
N PHE A 319 -3.13 7.52 -17.80
CA PHE A 319 -4.10 8.50 -17.25
C PHE A 319 -5.45 8.18 -17.81
N SER A 320 -6.49 8.26 -16.98
CA SER A 320 -7.83 8.38 -17.44
C SER A 320 -8.73 8.73 -16.30
N ALA A 321 -9.81 9.42 -16.63
CA ALA A 321 -10.91 9.64 -15.70
C ALA A 321 -12.04 8.75 -16.06
N MET A 322 -12.51 8.00 -15.08
CA MET A 322 -13.52 7.02 -15.35
C MET A 322 -14.89 7.65 -15.62
N ARG A 323 -15.75 6.91 -16.33
CA ARG A 323 -17.15 7.31 -16.66
C ARG A 323 -18.07 6.95 -15.53
N ARG A 324 -18.97 7.89 -15.19
CA ARG A 324 -19.93 7.71 -14.15
C ARG A 324 -21.34 7.71 -14.83
N THR A 325 -21.65 6.61 -15.50
CA THR A 325 -22.91 6.41 -16.24
C THR A 325 -24.16 6.18 -15.37
N ASN A 326 -23.92 5.87 -14.10
CA ASN A 326 -24.93 5.88 -13.06
C ASN A 326 -25.53 7.27 -12.71
N LEU A 327 -24.95 8.35 -13.21
CA LEU A 327 -25.59 9.66 -13.12
C LEU A 327 -26.68 9.69 -14.17
N THR A 328 -27.70 10.50 -13.93
CA THR A 328 -28.79 10.63 -14.91
C THR A 328 -29.07 12.12 -15.26
N GLY A 329 -29.82 12.35 -16.34
CA GLY A 329 -30.18 13.69 -16.79
C GLY A 329 -29.10 14.75 -16.99
N ASP A 330 -29.28 15.91 -16.31
CA ASP A 330 -28.38 17.08 -16.35
C ASP A 330 -27.00 16.87 -15.66
N ALA A 331 -27.01 16.19 -14.52
CA ALA A 331 -25.77 15.76 -13.87
C ALA A 331 -24.88 14.91 -14.85
N LEU A 332 -25.45 13.89 -15.49
CA LEU A 332 -24.72 13.05 -16.47
C LEU A 332 -24.04 13.88 -17.56
N THR A 333 -24.88 14.67 -18.22
CA THR A 333 -24.51 15.48 -19.36
C THR A 333 -23.35 16.37 -18.99
N LEU A 334 -23.34 16.87 -17.77
CA LEU A 334 -22.28 17.78 -17.34
C LEU A 334 -20.97 17.06 -16.98
N HIS A 335 -21.08 15.97 -16.23
CA HIS A 335 -19.92 15.10 -15.92
C HIS A 335 -19.15 14.68 -17.19
N LEU A 336 -19.90 14.20 -18.18
CA LEU A 336 -19.37 13.80 -19.47
C LEU A 336 -18.66 14.91 -20.21
N ALA A 337 -19.13 16.16 -20.07
CA ALA A 337 -18.45 17.28 -20.72
C ALA A 337 -17.10 17.56 -20.06
N GLY A 338 -17.07 17.49 -18.73
CA GLY A 338 -15.84 17.75 -17.98
C GLY A 338 -14.84 16.61 -18.14
N ARG A 339 -15.36 15.39 -18.10
CA ARG A 339 -14.56 14.20 -18.36
C ARG A 339 -13.80 14.37 -19.66
N ALA A 340 -14.52 14.71 -20.72
CA ALA A 340 -13.88 14.87 -22.01
C ALA A 340 -12.81 15.88 -21.87
N TYR A 341 -13.15 17.04 -21.30
CA TYR A 341 -12.20 18.12 -21.28
C TYR A 341 -10.94 17.80 -20.51
N TYR A 342 -11.12 17.10 -19.38
CA TYR A 342 -10.02 16.60 -18.54
C TYR A 342 -8.97 15.84 -19.40
N HIS A 343 -9.48 14.92 -20.23
CA HIS A 343 -8.64 14.13 -21.11
C HIS A 343 -7.91 14.97 -22.18
N LYS A 344 -8.63 15.90 -22.83
CA LYS A 344 -7.98 16.85 -23.78
C LYS A 344 -6.91 17.70 -23.11
N TYR A 345 -7.25 18.16 -21.90
CA TYR A 345 -6.40 19.06 -21.16
C TYR A 345 -5.14 18.36 -20.71
N VAL A 346 -5.32 17.18 -20.12
CA VAL A 346 -4.14 16.35 -19.70
C VAL A 346 -3.21 16.08 -20.91
N THR A 347 -3.79 15.58 -22.00
CA THR A 347 -3.05 15.28 -23.23
C THR A 347 -2.24 16.49 -23.72
N GLN A 348 -2.97 17.58 -23.94
CA GLN A 348 -2.38 18.84 -24.46
C GLN A 348 -1.33 19.38 -23.49
N GLN A 349 -1.67 19.49 -22.22
CA GLN A 349 -0.66 20.05 -21.28
C GLN A 349 0.57 19.17 -21.14
N ALA A 350 0.42 17.84 -21.32
CA ALA A 350 1.56 16.91 -21.20
C ALA A 350 2.42 17.08 -22.40
N LEU A 351 1.79 17.13 -23.56
CA LEU A 351 2.54 17.30 -24.80
C LEU A 351 3.30 18.59 -24.82
N ALA A 352 2.64 19.67 -24.37
CA ALA A 352 3.30 20.98 -24.28
C ALA A 352 4.57 20.94 -23.49
N ARG A 353 4.65 20.07 -22.49
CA ARG A 353 5.84 19.95 -21.65
C ARG A 353 6.71 18.72 -21.88
N GLY A 354 6.52 18.00 -22.98
CA GLY A 354 7.43 16.85 -23.29
C GLY A 354 7.13 15.53 -22.56
N LEU A 355 5.90 15.41 -22.04
CA LEU A 355 5.40 14.13 -21.50
C LEU A 355 4.63 13.45 -22.62
N LEU A 356 4.88 12.15 -22.79
CA LEU A 356 4.19 11.34 -23.81
C LEU A 356 2.96 10.75 -23.17
N PRO A 357 1.77 11.21 -23.57
CA PRO A 357 0.57 10.77 -22.86
C PRO A 357 0.01 9.45 -23.37
N PHE A 358 -0.18 8.48 -22.48
CA PHE A 358 -0.79 7.20 -22.84
C PHE A 358 -2.05 6.95 -22.07
N TYR A 359 -3.17 6.93 -22.78
CA TYR A 359 -4.45 6.77 -22.19
C TYR A 359 -4.66 5.38 -21.55
N TRP A 360 -5.16 5.34 -20.32
CA TRP A 360 -5.52 4.09 -19.66
C TRP A 360 -6.90 3.57 -20.00
N ASP A 361 -6.93 2.49 -20.80
CA ASP A 361 -8.14 1.90 -21.29
C ASP A 361 -8.25 0.48 -20.75
N ASN A 362 -9.21 0.26 -19.86
CA ASN A 362 -9.37 -1.03 -19.21
C ASN A 362 -10.32 -1.93 -19.98
N GLY A 363 -10.81 -1.44 -21.13
CA GLY A 363 -11.72 -2.16 -21.96
C GLY A 363 -13.17 -2.20 -21.54
N GLY A 364 -13.50 -1.78 -20.32
CA GLY A 364 -14.91 -1.73 -19.91
C GLY A 364 -15.68 -0.62 -20.63
N ASN A 365 -16.94 -0.90 -20.93
CA ASN A 365 -17.83 0.06 -21.58
C ASN A 365 -18.99 0.39 -20.61
N ASP A 366 -18.87 -0.02 -19.35
CA ASP A 366 -19.96 0.07 -18.36
C ASP A 366 -19.57 1.16 -17.36
N ASN A 367 -20.21 1.19 -16.18
CA ASN A 367 -20.02 2.25 -15.21
C ASN A 367 -18.69 2.02 -14.51
N PHE A 368 -18.01 3.11 -14.16
CA PHE A 368 -16.69 3.11 -13.52
C PHE A 368 -15.55 2.54 -14.41
N SER A 369 -15.77 2.48 -15.73
CA SER A 369 -14.80 1.93 -16.69
C SER A 369 -14.10 3.03 -17.51
N SER A 370 -13.15 2.62 -18.32
CA SER A 370 -12.37 3.55 -19.13
C SER A 370 -12.16 3.13 -20.58
N GLY A 371 -12.86 2.10 -21.02
CA GLY A 371 -12.65 1.61 -22.37
C GLY A 371 -13.16 2.61 -23.39
N ILE A 372 -12.32 3.10 -24.26
CA ILE A 372 -12.86 3.94 -25.35
C ILE A 372 -13.23 3.19 -26.62
N PHE A 373 -12.73 1.95 -26.78
CA PHE A 373 -13.22 1.01 -27.79
C PHE A 373 -14.13 -0.08 -27.26
N ASN A 374 -14.98 -0.59 -28.12
CA ASN A 374 -15.74 -1.77 -27.83
C ASN A 374 -14.91 -2.92 -28.43
N ARG A 375 -14.16 -3.59 -27.55
CA ARG A 375 -13.21 -4.66 -27.91
C ARG A 375 -13.90 -5.85 -28.58
N GLN A 376 -15.13 -6.14 -28.18
CA GLN A 376 -15.87 -7.27 -28.77
C GLN A 376 -16.18 -7.02 -30.30
N GLN A 377 -16.40 -5.77 -30.72
CA GLN A 377 -16.79 -5.46 -32.11
C GLN A 377 -15.70 -4.72 -32.92
N ASN A 378 -14.57 -4.38 -32.29
CA ASN A 378 -13.57 -3.51 -32.87
C ASN A 378 -14.16 -2.24 -33.46
N THR A 379 -14.89 -1.54 -32.60
CA THR A 379 -15.45 -0.23 -32.91
C THR A 379 -15.21 0.72 -31.74
N VAL A 380 -15.39 1.99 -32.06
CA VAL A 380 -15.35 3.12 -31.13
C VAL A 380 -16.61 3.11 -30.28
N PHE A 381 -16.43 3.09 -28.96
CA PHE A 381 -17.51 3.14 -28.00
C PHE A 381 -17.71 4.56 -27.48
N ASP A 382 -16.64 5.28 -27.20
CA ASP A 382 -16.69 6.62 -26.62
C ASP A 382 -16.00 7.61 -27.55
N GLN A 383 -16.74 8.05 -28.57
CA GLN A 383 -16.22 9.02 -29.53
C GLN A 383 -15.90 10.35 -28.85
N GLN A 384 -16.65 10.68 -27.79
CA GLN A 384 -16.43 11.94 -27.06
C GLN A 384 -15.01 11.96 -26.51
N VAL A 385 -14.62 10.91 -25.77
CA VAL A 385 -13.28 10.90 -25.13
C VAL A 385 -12.19 10.76 -26.19
N LEU A 386 -12.45 10.00 -27.26
CA LEU A 386 -11.46 9.87 -28.36
C LEU A 386 -11.21 11.19 -29.07
N ASP A 387 -12.26 11.90 -29.43
CA ASP A 387 -12.05 13.25 -30.03
C ASP A 387 -11.25 14.19 -29.10
N ALA A 388 -11.52 14.12 -27.78
CA ALA A 388 -10.80 14.96 -26.79
C ALA A 388 -9.35 14.66 -26.81
N LEU A 389 -9.03 13.36 -26.77
CA LEU A 389 -7.66 12.94 -26.84
C LEU A 389 -7.02 13.42 -28.12
N LEU A 390 -7.72 13.20 -29.24
CA LEU A 390 -7.17 13.68 -30.53
C LEU A 390 -7.02 15.21 -30.57
N GLU A 391 -8.08 15.94 -30.30
CA GLU A 391 -7.98 17.42 -30.36
C GLU A 391 -6.82 17.85 -29.42
N GLY A 392 -6.72 17.25 -28.23
CA GLY A 392 -5.57 17.50 -27.33
C GLY A 392 -4.22 17.18 -27.87
N ALA A 393 -4.16 16.12 -28.69
CA ALA A 393 -2.95 15.81 -29.44
C ALA A 393 -2.68 16.83 -30.57
N GLY B 24 5.78 -29.93 2.10
CA GLY B 24 5.60 -28.70 2.92
C GLY B 24 6.81 -27.78 2.82
N LEU B 25 6.57 -26.48 2.90
CA LEU B 25 7.64 -25.48 2.73
C LEU B 25 8.59 -25.40 3.91
N TYR B 26 8.03 -25.50 5.11
CA TYR B 26 8.77 -25.39 6.34
C TYR B 26 8.42 -26.58 7.21
N PRO B 27 9.31 -26.95 8.15
CA PRO B 27 8.99 -28.06 9.08
C PRO B 27 7.92 -27.73 10.12
N SER B 28 7.32 -28.75 10.76
CA SER B 28 6.47 -28.55 11.97
C SER B 28 7.30 -28.03 13.12
N TYR B 29 6.73 -27.11 13.89
CA TYR B 29 7.29 -26.60 15.14
C TYR B 29 6.29 -26.81 16.28
N ASN B 30 5.26 -27.60 16.04
CA ASN B 30 4.39 -28.08 17.10
C ASN B 30 4.90 -29.50 17.47
N THR B 31 6.12 -29.52 18.00
CA THR B 31 6.85 -30.76 18.28
C THR B 31 6.37 -31.35 19.59
N SER B 32 5.98 -30.47 20.52
CA SER B 32 5.60 -30.82 21.90
C SER B 32 4.18 -30.40 22.32
N PRO B 33 3.16 -30.79 21.54
CA PRO B 33 1.85 -30.30 21.94
C PRO B 33 1.49 -30.88 23.32
N ALA B 34 1.39 -30.00 24.34
CA ALA B 34 0.73 -30.35 25.59
C ALA B 34 -0.76 -30.57 25.35
N ALA B 35 -1.36 -31.40 26.19
CA ALA B 35 -2.79 -31.65 26.12
C ALA B 35 -3.43 -30.38 26.63
N PRO B 36 -4.73 -30.17 26.30
CA PRO B 36 -5.36 -28.93 26.73
C PRO B 36 -5.25 -28.66 28.22
N ASP B 37 -5.34 -27.38 28.56
CA ASP B 37 -5.26 -26.94 29.94
C ASP B 37 -5.97 -25.56 30.15
N SER B 38 -6.94 -25.54 31.07
CA SER B 38 -7.69 -24.34 31.42
C SER B 38 -7.20 -23.66 32.72
N THR B 39 -6.18 -24.22 33.38
CA THR B 39 -5.64 -23.65 34.63
C THR B 39 -5.19 -22.20 34.44
N GLY B 40 -5.84 -21.29 35.15
CA GLY B 40 -5.47 -19.88 35.15
C GLY B 40 -5.85 -19.18 33.86
N MET B 41 -6.89 -19.70 33.21
CA MET B 41 -7.38 -19.15 31.97
C MET B 41 -8.89 -19.12 32.06
N GLN B 42 -9.45 -18.69 33.19
CA GLN B 42 -10.92 -18.77 33.35
C GLN B 42 -11.71 -17.72 32.57
N SER B 43 -11.16 -16.51 32.43
CA SER B 43 -11.91 -15.42 31.83
C SER B 43 -12.17 -15.70 30.36
N THR B 44 -13.40 -15.45 29.90
CA THR B 44 -13.62 -15.33 28.46
C THR B 44 -13.04 -13.98 27.92
N ALA B 45 -13.09 -13.80 26.60
CA ALA B 45 -12.72 -12.53 25.98
C ALA B 45 -13.52 -11.42 26.67
N VAL B 46 -14.85 -11.54 26.67
CA VAL B 46 -15.73 -10.54 27.31
C VAL B 46 -15.30 -10.19 28.74
N GLN B 47 -14.92 -11.18 29.54
CA GLN B 47 -14.54 -10.91 30.96
C GLN B 47 -13.17 -10.27 31.13
N LEU B 48 -12.19 -10.80 30.37
CA LEU B 48 -10.86 -10.20 30.27
C LEU B 48 -10.91 -8.72 29.81
N ALA B 49 -11.71 -8.46 28.76
CA ALA B 49 -12.04 -7.10 28.28
C ALA B 49 -12.48 -6.12 29.38
N GLY B 50 -13.26 -6.60 30.35
CA GLY B 50 -13.70 -5.77 31.48
C GLY B 50 -12.56 -5.34 32.40
N LYS B 51 -11.50 -6.14 32.49
CA LYS B 51 -10.38 -5.83 33.38
C LYS B 51 -9.32 -4.91 32.75
N ILE B 52 -9.58 -4.39 31.54
CA ILE B 52 -8.64 -3.50 30.83
C ILE B 52 -9.28 -2.16 30.42
N ARG B 53 -8.89 -1.08 31.10
CA ARG B 53 -9.34 0.29 30.75
C ARG B 53 -8.31 0.99 29.83
N LEU B 54 -7.05 1.04 30.25
CA LEU B 54 -6.09 1.89 29.57
C LEU B 54 -4.88 1.10 29.12
N GLY B 55 -4.63 1.04 27.80
CA GLY B 55 -3.41 0.43 27.28
C GLY B 55 -2.36 1.39 26.72
N TRP B 56 -1.11 0.92 26.67
CA TRP B 56 0.08 1.66 26.22
C TRP B 56 0.94 0.79 25.31
N ASN B 57 1.08 1.19 24.05
CA ASN B 57 2.04 0.53 23.14
C ASN B 57 3.52 0.83 23.46
N ILE B 58 4.39 -0.20 23.46
CA ILE B 58 5.82 -0.04 23.50
C ILE B 58 6.30 0.08 22.03
N GLY B 59 5.96 1.18 21.41
CA GLY B 59 6.30 1.41 20.02
C GLY B 59 7.77 1.67 19.73
N ASN B 60 8.10 1.45 18.45
CA ASN B 60 9.46 1.55 17.98
C ASN B 60 10.49 0.87 18.84
N THR B 61 10.17 -0.32 19.30
CA THR B 61 11.08 -1.04 20.17
C THR B 61 11.21 -2.46 19.74
N MET B 62 10.40 -3.39 20.24
CA MET B 62 10.66 -4.76 19.84
C MET B 62 10.28 -5.03 18.35
N GLU B 63 9.58 -4.10 17.69
CA GLU B 63 9.28 -4.27 16.26
C GLU B 63 10.23 -3.54 15.36
N ALA B 64 11.14 -2.75 15.95
CA ALA B 64 12.15 -2.03 15.16
C ALA B 64 13.01 -2.95 14.32
N ILE B 65 13.04 -2.61 13.01
CA ILE B 65 13.94 -3.13 12.02
C ILE B 65 15.39 -2.70 12.36
N GLY B 66 16.30 -3.66 12.39
CA GLY B 66 17.68 -3.41 12.81
C GLY B 66 17.94 -3.79 14.25
N GLY B 67 16.90 -4.20 14.99
CA GLY B 67 17.00 -4.51 16.40
C GLY B 67 16.25 -3.52 17.28
N GLU B 68 16.05 -3.96 18.52
CA GLU B 68 15.25 -3.32 19.57
C GLU B 68 15.65 -1.90 19.84
N THR B 69 16.95 -1.62 19.65
CA THR B 69 17.46 -0.27 19.82
C THR B 69 17.53 0.56 18.55
N ALA B 70 17.31 -0.04 17.36
CA ALA B 70 17.59 0.68 16.05
C ALA B 70 16.75 1.90 15.81
N TRP B 71 15.60 1.97 16.44
CA TRP B 71 14.73 3.12 16.21
C TRP B 71 14.75 4.03 17.44
N GLY B 72 15.87 4.02 18.17
CA GLY B 72 16.17 5.08 19.14
C GLY B 72 15.65 4.85 20.55
N ASN B 73 15.34 3.60 20.89
CA ASN B 73 14.76 3.28 22.18
C ASN B 73 15.65 2.33 22.94
N PRO B 74 15.72 2.48 24.28
CA PRO B 74 16.44 1.48 25.04
C PRO B 74 15.70 0.18 25.06
N MET B 75 16.44 -0.89 25.18
CA MET B 75 15.88 -2.19 25.47
C MET B 75 14.80 -2.07 26.56
N VAL B 76 13.70 -2.80 26.40
CA VAL B 76 12.62 -2.77 27.43
C VAL B 76 13.21 -3.20 28.82
N SER B 77 12.97 -2.36 29.84
CA SER B 77 13.49 -2.53 31.23
C SER B 77 12.34 -2.70 32.20
N ASN B 78 12.56 -3.43 33.31
CA ASN B 78 11.54 -3.49 34.39
C ASN B 78 11.13 -2.10 34.87
N GLU B 79 12.09 -1.19 34.98
CA GLU B 79 11.87 0.20 35.43
C GLU B 79 10.83 0.91 34.51
N LEU B 80 10.95 0.71 33.19
CA LEU B 80 9.98 1.30 32.25
C LEU B 80 8.61 0.69 32.52
N LEU B 81 8.60 -0.63 32.67
CA LEU B 81 7.33 -1.33 32.79
C LEU B 81 6.64 -0.93 34.14
N LYS B 82 7.43 -0.82 35.22
CA LYS B 82 6.98 -0.20 36.51
C LYS B 82 6.33 1.16 36.31
N LEU B 83 7.07 2.08 35.66
CA LEU B 83 6.56 3.44 35.37
C LEU B 83 5.24 3.38 34.62
N VAL B 84 5.16 2.48 33.63
CA VAL B 84 3.91 2.19 32.89
C VAL B 84 2.77 1.83 33.87
N LYS B 85 2.95 0.82 34.73
CA LYS B 85 1.87 0.40 35.68
C LYS B 85 1.42 1.54 36.60
N ASP B 86 2.39 2.19 37.25
CA ASP B 86 2.16 3.33 38.20
C ASP B 86 1.51 4.55 37.57
N SER B 87 1.95 4.94 36.37
CA SER B 87 1.25 5.99 35.63
C SER B 87 -0.26 5.65 35.33
N GLY B 88 -0.63 4.38 35.53
CA GLY B 88 -2.05 3.97 35.61
C GLY B 88 -2.64 3.25 34.41
N PHE B 89 -1.76 2.66 33.60
CA PHE B 89 -2.12 1.75 32.52
C PHE B 89 -2.27 0.30 33.04
N ASP B 90 -3.27 -0.40 32.50
CA ASP B 90 -3.54 -1.81 32.83
C ASP B 90 -2.76 -2.77 31.95
N ALA B 91 -2.46 -2.34 30.73
CA ALA B 91 -1.99 -3.23 29.70
C ALA B 91 -0.97 -2.56 28.78
N VAL B 92 -0.20 -3.44 28.13
CA VAL B 92 0.82 -3.07 27.19
C VAL B 92 0.64 -3.90 25.87
N ARG B 93 0.53 -3.21 24.72
CA ARG B 93 0.60 -3.86 23.40
C ARG B 93 2.10 -3.80 23.08
N ILE B 94 2.73 -4.95 22.88
CA ILE B 94 4.14 -5.03 22.55
C ILE B 94 4.23 -5.45 21.08
N PRO B 95 4.38 -4.45 20.18
CA PRO B 95 4.66 -4.82 18.79
C PRO B 95 5.97 -5.62 18.66
N VAL B 96 5.98 -6.73 17.92
CA VAL B 96 7.23 -7.54 17.87
C VAL B 96 7.60 -7.85 16.44
N ALA B 97 8.89 -7.72 16.11
CA ALA B 97 9.42 -8.17 14.81
C ALA B 97 9.99 -9.58 14.95
N TRP B 98 9.83 -10.40 13.90
CA TRP B 98 10.27 -11.79 13.93
C TRP B 98 11.03 -12.24 12.71
N ASP B 99 10.55 -11.84 11.52
CA ASP B 99 11.17 -12.23 10.27
C ASP B 99 12.68 -11.98 10.27
N GLN B 100 13.13 -10.85 10.79
CA GLN B 100 14.56 -10.47 10.79
C GLN B 100 15.44 -11.34 11.68
N TYR B 101 14.83 -12.12 12.58
CA TYR B 101 15.51 -13.08 13.45
C TYR B 101 15.33 -14.50 13.04
N ALA B 102 14.76 -14.75 11.87
CA ALA B 102 14.47 -16.08 11.50
C ALA B 102 15.36 -16.49 10.36
N ASN B 103 15.58 -17.80 10.32
CA ASN B 103 16.26 -18.46 9.22
C ASN B 103 15.22 -18.60 8.11
N GLN B 104 15.62 -18.11 6.94
CA GLN B 104 14.73 -17.91 5.83
C GLN B 104 14.39 -19.17 5.03
N GLU B 105 15.19 -20.24 5.10
CA GLU B 105 14.81 -21.54 4.48
C GLU B 105 13.89 -22.39 5.41
N SER B 106 14.18 -22.37 6.70
CA SER B 106 13.40 -23.19 7.65
C SER B 106 12.24 -22.45 8.32
N ALA B 107 12.30 -21.12 8.30
CA ALA B 107 11.46 -20.24 9.10
C ALA B 107 11.77 -20.31 10.64
N GLU B 108 12.97 -20.75 11.01
CA GLU B 108 13.31 -20.93 12.45
C GLU B 108 13.71 -19.62 13.08
N ILE B 109 13.00 -19.21 14.12
CA ILE B 109 13.33 -17.94 14.77
C ILE B 109 14.47 -18.21 15.76
N SER B 110 15.39 -17.27 15.90
CA SER B 110 16.53 -17.46 16.82
C SER B 110 16.04 -17.72 18.25
N ALA B 111 16.61 -18.71 18.90
CA ALA B 111 16.28 -18.98 20.29
C ALA B 111 16.62 -17.76 21.16
N ALA B 112 17.71 -17.07 20.84
CA ALA B 112 18.10 -15.95 21.68
C ALA B 112 17.02 -14.85 21.72
N TRP B 113 16.40 -14.59 20.58
CA TRP B 113 15.27 -13.65 20.51
C TRP B 113 13.98 -14.20 21.10
N LEU B 114 13.64 -15.44 20.82
CA LEU B 114 12.51 -16.04 21.47
C LEU B 114 12.72 -15.87 22.98
N ASN B 115 13.90 -16.28 23.47
CA ASN B 115 14.17 -16.11 24.92
C ASN B 115 14.04 -14.69 25.40
N ARG B 116 14.50 -13.72 24.60
CA ARG B 116 14.36 -12.31 25.01
C ARG B 116 12.88 -11.85 25.05
N VAL B 117 12.09 -12.23 24.04
CA VAL B 117 10.67 -11.80 24.03
C VAL B 117 10.03 -12.35 25.29
N LYS B 118 10.37 -13.60 25.65
CA LYS B 118 9.88 -14.17 26.92
C LYS B 118 10.22 -13.27 28.11
N GLN B 119 11.49 -12.90 28.21
CA GLN B 119 12.03 -12.10 29.30
C GLN B 119 11.13 -10.88 29.49
N VAL B 120 10.87 -10.18 28.40
CA VAL B 120 10.04 -8.99 28.44
C VAL B 120 8.57 -9.34 28.81
N VAL B 121 7.99 -10.37 28.22
CA VAL B 121 6.62 -10.75 28.61
C VAL B 121 6.54 -11.04 30.12
N GLN B 122 7.64 -11.60 30.68
CA GLN B 122 7.75 -11.87 32.12
C GLN B 122 7.76 -10.56 32.93
N MET B 123 8.74 -9.68 32.70
CA MET B 123 8.78 -8.38 33.43
C MET B 123 7.45 -7.64 33.37
N ALA B 124 6.71 -7.79 32.27
CA ALA B 124 5.41 -7.16 32.12
C ALA B 124 4.37 -7.81 33.03
N ILE B 125 4.33 -9.14 33.03
CA ILE B 125 3.52 -9.89 33.99
C ILE B 125 4.03 -9.70 35.45
N ASP B 126 5.32 -9.88 35.73
CA ASP B 126 5.93 -9.53 37.05
C ASP B 126 5.38 -8.20 37.61
N ASN B 127 5.37 -7.15 36.79
CA ASN B 127 4.86 -5.80 37.18
C ASN B 127 3.30 -5.63 37.03
N GLU B 128 2.56 -6.74 36.91
CA GLU B 128 1.09 -6.76 36.96
C GLU B 128 0.37 -6.15 35.73
N LEU B 129 0.87 -6.43 34.50
CA LEU B 129 0.21 -5.92 33.26
C LEU B 129 -0.34 -7.03 32.39
N TYR B 130 -1.48 -6.77 31.80
CA TYR B 130 -1.91 -7.55 30.63
C TYR B 130 -0.93 -7.23 29.47
N VAL B 131 -0.60 -8.24 28.66
CA VAL B 131 0.34 -8.13 27.58
C VAL B 131 -0.22 -8.71 26.30
N LEU B 132 -0.25 -7.88 25.26
CA LEU B 132 -0.71 -8.26 23.95
C LEU B 132 0.54 -8.26 23.05
N ILE B 133 0.90 -9.43 22.50
CA ILE B 133 2.13 -9.63 21.71
C ILE B 133 1.60 -9.77 20.30
N ASN B 134 2.25 -9.16 19.31
CA ASN B 134 1.92 -9.47 17.92
C ASN B 134 3.13 -9.88 17.08
N ILE B 135 2.84 -10.10 15.80
CA ILE B 135 3.77 -9.97 14.72
C ILE B 135 3.34 -8.67 14.05
N HIS B 136 4.23 -7.67 13.99
CA HIS B 136 3.85 -6.34 13.54
C HIS B 136 4.05 -6.22 12.06
N TRP B 137 4.23 -5.02 11.56
CA TRP B 137 4.60 -4.86 10.14
C TRP B 137 5.74 -5.82 9.70
N ASP B 138 6.78 -5.87 10.54
CA ASP B 138 7.82 -6.88 10.36
C ASP B 138 8.53 -6.86 9.03
N GLY B 139 8.65 -5.69 8.45
CA GLY B 139 9.31 -5.55 7.15
C GLY B 139 8.38 -5.78 5.96
N GLY B 140 7.15 -6.21 6.22
CA GLY B 140 6.09 -6.24 5.20
C GLY B 140 5.78 -7.60 4.61
N TRP B 141 6.48 -8.65 5.07
CA TRP B 141 6.35 -9.99 4.52
C TRP B 141 4.90 -10.43 4.34
N LEU B 142 4.13 -10.30 5.41
CA LEU B 142 2.75 -10.56 5.44
C LEU B 142 1.86 -9.34 5.12
N GLU B 143 2.08 -8.25 5.87
CA GLU B 143 1.22 -7.05 5.90
C GLU B 143 0.99 -6.43 4.51
N ASN B 144 2.04 -6.30 3.70
CA ASN B 144 1.93 -5.72 2.33
C ASN B 144 1.65 -6.77 1.21
N ASN B 145 1.20 -7.96 1.60
CA ASN B 145 1.13 -9.11 0.71
C ASN B 145 -0.08 -9.95 1.06
N ILE B 146 -1.22 -9.30 1.15
CA ILE B 146 -2.53 -9.96 1.31
C ILE B 146 -3.08 -10.18 -0.14
N THR B 147 -2.45 -11.13 -0.85
CA THR B 147 -2.72 -11.36 -2.26
C THR B 147 -2.69 -12.86 -2.54
N PRO B 148 -3.44 -13.29 -3.56
CA PRO B 148 -3.49 -14.73 -3.86
C PRO B 148 -2.15 -15.33 -4.17
N ALA B 149 -1.30 -14.63 -4.91
CA ALA B 149 0.01 -15.14 -5.24
C ALA B 149 0.94 -15.31 -3.99
N LYS B 150 0.65 -14.70 -2.88
CA LYS B 150 1.47 -14.89 -1.66
C LYS B 150 0.74 -15.70 -0.63
N LYS B 151 -0.50 -16.06 -0.90
CA LYS B 151 -1.29 -16.61 0.17
C LYS B 151 -0.64 -17.87 0.79
N ASP B 152 -0.27 -18.84 -0.06
CA ASP B 152 0.27 -20.14 0.42
C ASP B 152 1.57 -20.01 1.14
N GLU B 153 2.55 -19.43 0.46
CA GLU B 153 3.83 -19.07 1.11
C GLU B 153 3.62 -18.37 2.49
N ASN B 154 2.74 -17.36 2.56
CA ASN B 154 2.62 -16.58 3.82
C ASN B 154 1.86 -17.34 4.88
N ASN B 155 0.96 -18.19 4.46
CA ASN B 155 0.25 -19.03 5.46
C ASN B 155 1.27 -20.02 6.11
N ALA B 156 2.27 -20.46 5.35
CA ALA B 156 3.24 -21.48 5.83
C ALA B 156 4.10 -20.75 6.84
N LYS B 157 4.64 -19.56 6.43
CA LYS B 157 5.38 -18.69 7.34
C LYS B 157 4.61 -18.31 8.61
N GLN B 158 3.31 -18.02 8.45
CA GLN B 158 2.47 -17.59 9.55
C GLN B 158 2.34 -18.74 10.53
N LYS B 159 2.10 -19.93 9.97
CA LYS B 159 2.01 -21.19 10.76
C LYS B 159 3.30 -21.42 11.51
N ALA B 160 4.40 -21.48 10.74
CA ALA B 160 5.72 -21.74 11.32
C ALA B 160 6.05 -20.82 12.47
N PHE B 161 5.98 -19.51 12.24
CA PHE B 161 6.19 -18.52 13.31
C PHE B 161 5.29 -18.65 14.56
N TRP B 162 3.98 -18.75 14.38
CA TRP B 162 3.05 -18.81 15.52
C TRP B 162 3.09 -20.16 16.30
N GLU B 163 3.35 -21.28 15.61
CA GLU B 163 3.68 -22.53 16.29
C GLU B 163 4.84 -22.30 17.25
N GLN B 164 5.92 -21.65 16.80
CA GLN B 164 7.07 -21.33 17.69
C GLN B 164 6.77 -20.35 18.78
N ILE B 165 6.16 -19.20 18.42
CA ILE B 165 5.89 -18.18 19.44
C ILE B 165 4.94 -18.71 20.51
N ALA B 166 3.90 -19.42 20.07
CA ALA B 166 2.90 -19.97 20.97
C ALA B 166 3.55 -21.05 21.87
N THR B 167 4.38 -21.92 21.26
CA THR B 167 5.02 -23.04 21.98
C THR B 167 5.96 -22.53 23.07
N HIS B 168 6.80 -21.55 22.75
CA HIS B 168 7.75 -21.00 23.71
C HIS B 168 7.11 -20.21 24.81
N LEU B 169 5.97 -19.60 24.51
CA LEU B 169 5.23 -18.85 25.51
C LEU B 169 4.01 -19.62 26.04
N ARG B 170 3.92 -20.93 25.75
CA ARG B 170 2.77 -21.74 26.15
C ARG B 170 2.38 -21.62 27.66
N ASP B 171 3.36 -21.43 28.57
CA ASP B 171 3.10 -21.51 30.01
C ASP B 171 3.05 -20.13 30.65
N PHE B 172 2.24 -19.26 30.07
CA PHE B 172 1.94 -17.93 30.60
C PHE B 172 0.42 -17.88 30.72
N ASP B 173 -0.07 -17.30 31.81
CA ASP B 173 -1.53 -17.23 32.03
C ASP B 173 -2.24 -16.25 31.09
N GLU B 174 -3.53 -16.06 31.36
CA GLU B 174 -4.39 -15.18 30.58
C GLU B 174 -4.04 -13.68 30.60
N HIS B 175 -3.02 -13.29 31.37
CA HIS B 175 -2.35 -11.98 31.19
C HIS B 175 -1.74 -11.81 29.79
N LEU B 176 -1.33 -12.92 29.15
CA LEU B 176 -0.72 -12.88 27.84
C LEU B 176 -1.77 -13.15 26.76
N LEU B 177 -2.06 -12.13 25.97
CA LEU B 177 -2.88 -12.29 24.79
C LEU B 177 -1.98 -12.37 23.58
N PHE B 178 -2.52 -12.87 22.47
CA PHE B 178 -1.87 -12.87 21.16
C PHE B 178 -2.71 -12.18 20.07
N ALA B 179 -2.02 -11.53 19.12
CA ALA B 179 -2.62 -10.82 18.00
C ALA B 179 -1.87 -11.22 16.74
N GLY B 180 -2.56 -11.78 15.77
CA GLY B 180 -1.91 -12.59 14.76
C GLY B 180 -1.18 -11.79 13.70
N THR B 181 -1.65 -10.55 13.51
CA THR B 181 -1.10 -9.56 12.53
C THR B 181 -1.17 -8.16 13.15
N ASN B 182 -0.73 -7.15 12.37
CA ASN B 182 -0.83 -5.74 12.80
C ASN B 182 -1.88 -4.99 11.97
N GLU B 183 -1.56 -4.67 10.73
CA GLU B 183 -2.40 -3.83 9.86
C GLU B 183 -2.39 -4.39 8.46
N PRO B 184 -3.02 -5.56 8.32
CA PRO B 184 -3.05 -6.21 7.02
C PRO B 184 -3.61 -5.35 5.89
N ASN B 185 -2.82 -5.17 4.82
CA ASN B 185 -3.23 -4.31 3.65
C ASN B 185 -4.27 -5.00 2.74
N ALA B 186 -5.50 -5.08 3.23
CA ALA B 186 -6.63 -5.73 2.53
C ALA B 186 -7.70 -4.69 2.16
N GLU B 187 -7.81 -4.41 0.86
CA GLU B 187 -8.65 -3.29 0.35
C GLU B 187 -9.94 -3.70 -0.42
N ASN B 188 -10.05 -4.98 -0.80
CA ASN B 188 -11.18 -5.52 -1.50
C ASN B 188 -11.56 -6.92 -0.99
N ALA B 189 -12.58 -7.53 -1.60
CA ALA B 189 -13.16 -8.78 -1.07
C ALA B 189 -12.18 -9.93 -1.26
N GLU B 190 -11.53 -10.00 -2.41
CA GLU B 190 -10.49 -11.00 -2.67
C GLU B 190 -9.39 -10.94 -1.62
N GLN B 191 -8.93 -9.73 -1.31
CA GLN B 191 -7.87 -9.57 -0.33
C GLN B 191 -8.37 -9.92 1.08
N MET B 192 -9.60 -9.52 1.41
CA MET B 192 -10.18 -9.96 2.68
C MET B 192 -10.23 -11.47 2.81
N ASP B 193 -10.53 -12.23 1.72
CA ASP B 193 -10.50 -13.72 1.79
C ASP B 193 -9.09 -14.17 2.08
N VAL B 194 -8.08 -13.67 1.37
CA VAL B 194 -6.70 -13.98 1.77
C VAL B 194 -6.44 -13.68 3.28
N LEU B 195 -6.86 -12.53 3.78
CA LEU B 195 -6.59 -12.15 5.17
C LEU B 195 -7.25 -13.13 6.16
N ASN B 196 -8.47 -13.53 5.83
CA ASN B 196 -9.21 -14.53 6.60
C ASN B 196 -8.42 -15.82 6.73
N SER B 197 -7.70 -16.25 5.69
CA SER B 197 -6.94 -17.51 5.84
C SER B 197 -5.68 -17.27 6.71
N TYR B 198 -4.98 -16.12 6.56
CA TYR B 198 -3.85 -15.77 7.46
C TYR B 198 -4.32 -15.82 8.90
N LEU B 199 -5.52 -15.30 9.16
CA LEU B 199 -6.07 -15.21 10.50
C LEU B 199 -6.42 -16.60 11.01
N GLN B 200 -7.03 -17.42 10.16
CA GLN B 200 -7.39 -18.78 10.51
C GLN B 200 -6.12 -19.57 10.85
N THR B 201 -5.14 -19.45 9.99
CA THR B 201 -3.84 -20.08 10.21
C THR B 201 -3.29 -19.73 11.60
N PHE B 202 -3.41 -18.45 11.99
CA PHE B 202 -2.96 -17.98 13.29
C PHE B 202 -3.65 -18.73 14.46
N VAL B 203 -4.97 -18.74 14.48
CA VAL B 203 -5.74 -19.36 15.58
C VAL B 203 -5.40 -20.89 15.68
N ASP B 204 -5.59 -21.61 14.57
CA ASP B 204 -5.21 -23.03 14.44
C ASP B 204 -3.79 -23.30 14.96
N ALA B 205 -2.83 -22.47 14.54
CA ALA B 205 -1.44 -22.69 14.94
C ALA B 205 -1.23 -22.54 16.43
N VAL B 206 -1.92 -21.59 17.05
CA VAL B 206 -1.83 -21.39 18.50
C VAL B 206 -2.49 -22.56 19.23
N ARG B 207 -3.70 -22.93 18.82
CA ARG B 207 -4.47 -24.00 19.47
C ARG B 207 -3.72 -25.30 19.37
N SER B 208 -3.29 -25.66 18.15
CA SER B 208 -2.53 -26.92 17.87
C SER B 208 -1.40 -27.20 18.88
N THR B 209 -0.74 -26.14 19.39
CA THR B 209 0.29 -26.27 20.48
C THR B 209 -0.28 -26.70 21.85
N GLY B 210 -1.59 -26.58 21.99
CA GLY B 210 -2.26 -26.95 23.25
C GLY B 210 -1.61 -26.33 24.46
N GLY B 211 -1.88 -26.91 25.64
CA GLY B 211 -1.52 -26.29 26.90
C GLY B 211 -2.51 -25.19 27.22
N LYS B 212 -2.00 -24.15 27.90
CA LYS B 212 -2.78 -22.97 28.16
C LYS B 212 -3.23 -22.28 26.82
N ASN B 213 -2.47 -22.50 25.72
CA ASN B 213 -2.88 -22.00 24.37
C ASN B 213 -4.16 -22.57 23.76
N ALA B 214 -4.68 -23.65 24.32
CA ALA B 214 -6.03 -24.11 23.98
C ALA B 214 -7.07 -23.04 24.36
N TYR B 215 -6.83 -22.29 25.42
CA TYR B 215 -7.86 -21.39 25.98
C TYR B 215 -7.57 -19.88 25.89
N ARG B 216 -6.35 -19.51 25.51
CA ARG B 216 -5.89 -18.12 25.49
C ARG B 216 -6.65 -17.22 24.54
N VAL B 217 -6.87 -15.98 24.98
CA VAL B 217 -7.59 -15.00 24.18
C VAL B 217 -6.68 -14.53 23.04
N LEU B 218 -7.24 -14.53 21.84
CA LEU B 218 -6.54 -14.20 20.61
C LEU B 218 -7.25 -13.06 19.92
N VAL B 219 -6.51 -12.19 19.22
CA VAL B 219 -7.05 -10.95 18.73
C VAL B 219 -6.81 -10.85 17.22
N LEU B 220 -7.85 -10.51 16.46
CA LEU B 220 -7.81 -10.56 15.00
C LEU B 220 -8.04 -9.20 14.39
N GLN B 221 -7.37 -8.93 13.28
CA GLN B 221 -7.23 -7.58 12.77
C GLN B 221 -8.17 -7.42 11.58
N GLY B 222 -8.90 -6.30 11.55
CA GLY B 222 -9.73 -5.99 10.41
C GLY B 222 -8.84 -5.50 9.28
N PRO B 223 -9.36 -5.49 8.05
CA PRO B 223 -8.64 -4.92 6.87
C PRO B 223 -8.10 -3.53 7.17
N VAL B 224 -6.78 -3.47 7.08
CA VAL B 224 -5.99 -2.26 7.29
C VAL B 224 -6.21 -1.71 8.63
N THR B 225 -6.67 -2.53 9.60
CA THR B 225 -7.20 -2.11 10.91
C THR B 225 -8.06 -0.81 10.93
N ASP B 226 -8.69 -0.56 9.80
CA ASP B 226 -9.48 0.63 9.56
C ASP B 226 -10.99 0.31 9.74
N ILE B 227 -11.71 1.17 10.42
CA ILE B 227 -13.14 0.91 10.73
C ILE B 227 -14.05 0.77 9.53
N GLU B 228 -13.92 1.72 8.61
CA GLU B 228 -14.75 1.77 7.39
C GLU B 228 -14.53 0.53 6.51
N LYS B 229 -13.26 0.17 6.27
CA LYS B 229 -12.92 -1.05 5.55
C LYS B 229 -13.42 -2.31 6.30
N THR B 230 -13.41 -2.27 7.64
CA THR B 230 -13.76 -3.43 8.40
C THR B 230 -15.24 -3.64 8.28
N ASN B 231 -15.99 -2.57 8.54
CA ASN B 231 -17.43 -2.56 8.34
C ASN B 231 -17.85 -3.02 6.96
N GLU B 232 -17.11 -2.61 5.92
CA GLU B 232 -17.46 -2.91 4.52
C GLU B 232 -17.18 -4.38 4.14
N LEU B 233 -16.02 -4.92 4.57
CA LEU B 233 -15.49 -6.18 4.10
C LEU B 233 -15.50 -7.37 5.09
N TRP B 234 -15.49 -7.11 6.40
CA TRP B 234 -15.38 -8.22 7.36
C TRP B 234 -16.52 -9.20 7.22
N THR B 235 -16.24 -10.50 7.18
CA THR B 235 -17.25 -11.57 6.95
C THR B 235 -17.52 -12.34 8.27
N HIS B 236 -16.51 -12.97 8.85
CA HIS B 236 -16.69 -13.83 10.05
C HIS B 236 -15.38 -13.89 10.76
N MET B 237 -15.45 -14.28 12.04
CA MET B 237 -14.29 -14.74 12.76
C MET B 237 -13.76 -16.03 12.18
N PRO B 238 -12.45 -16.28 12.35
CA PRO B 238 -11.96 -17.63 12.02
C PRO B 238 -12.65 -18.70 12.90
N ALA B 239 -12.71 -19.91 12.38
CA ALA B 239 -13.28 -21.05 13.13
C ALA B 239 -12.27 -21.39 14.23
N ASP B 240 -12.75 -21.28 15.46
CA ASP B 240 -11.96 -21.59 16.61
C ASP B 240 -12.58 -22.83 17.26
N THR B 241 -11.74 -23.68 17.85
CA THR B 241 -12.20 -24.79 18.70
C THR B 241 -12.45 -24.37 20.13
N ALA B 242 -11.72 -23.39 20.64
CA ALA B 242 -12.07 -22.75 21.91
C ALA B 242 -13.33 -21.87 21.74
N THR B 243 -14.03 -21.67 22.85
CA THR B 243 -15.36 -21.03 22.87
C THR B 243 -15.21 -19.62 23.46
N ASP B 244 -15.69 -18.59 22.75
CA ASP B 244 -15.62 -17.15 23.21
C ASP B 244 -14.21 -16.66 23.57
N ARG B 245 -13.16 -17.03 22.84
CA ARG B 245 -11.80 -16.54 23.21
C ARG B 245 -11.19 -15.64 22.14
N LEU B 246 -12.06 -14.91 21.46
CA LEU B 246 -11.68 -14.10 20.32
C LEU B 246 -11.98 -12.58 20.54
N MET B 247 -11.07 -11.68 20.09
CA MET B 247 -11.34 -10.23 20.04
C MET B 247 -11.09 -9.74 18.60
N ALA B 248 -11.76 -8.67 18.21
CA ALA B 248 -11.41 -7.96 16.96
C ALA B 248 -10.40 -6.81 17.28
N GLU B 249 -9.62 -6.37 16.29
CA GLU B 249 -8.74 -5.24 16.52
C GLU B 249 -8.92 -4.19 15.39
N VAL B 250 -9.05 -2.91 15.77
CA VAL B 250 -8.84 -1.77 14.83
C VAL B 250 -7.93 -0.68 15.43
N HIS B 251 -7.43 0.17 14.55
CA HIS B 251 -6.57 1.30 14.96
C HIS B 251 -7.34 2.58 14.59
N PHE B 252 -6.82 3.72 15.01
CA PHE B 252 -7.54 4.95 14.86
C PHE B 252 -6.61 6.15 14.98
N TYR B 253 -6.40 6.80 13.85
CA TYR B 253 -5.65 8.04 13.70
C TYR B 253 -6.50 9.01 12.89
N THR B 254 -7.82 8.94 13.11
CA THR B 254 -8.78 9.79 12.41
C THR B 254 -8.94 11.10 13.24
N PRO B 255 -8.94 12.26 12.63
CA PRO B 255 -8.65 12.50 11.21
C PRO B 255 -7.15 12.58 10.91
N TYR B 256 -6.75 11.99 9.80
CA TYR B 256 -5.30 11.90 9.52
C TYR B 256 -4.65 13.34 9.54
N ASN B 257 -5.38 14.32 8.99
CA ASN B 257 -4.89 15.67 8.85
C ASN B 257 -4.52 16.23 10.22
N PHE B 258 -5.18 15.72 11.27
CA PHE B 258 -4.82 16.10 12.65
C PHE B 258 -3.77 15.22 13.27
N ALA B 259 -4.00 13.90 13.29
CA ALA B 259 -3.16 12.98 14.10
C ALA B 259 -1.73 12.75 13.66
N LEU B 260 -1.52 12.75 12.35
CA LEU B 260 -0.25 12.34 11.79
C LEU B 260 0.21 13.17 10.59
N MET B 261 -0.62 14.03 10.02
CA MET B 261 -0.21 14.65 8.77
C MET B 261 0.90 15.73 9.05
N ARG B 262 2.11 15.49 8.53
CA ARG B 262 3.31 16.33 8.75
C ARG B 262 3.57 17.46 7.72
N GLN B 263 2.83 17.45 6.61
CA GLN B 263 2.94 18.48 5.55
C GLN B 263 1.58 18.71 4.88
N ASP B 264 1.31 19.97 4.54
CA ASP B 264 0.20 20.28 3.65
C ASP B 264 0.39 19.60 2.30
N GLU B 265 -0.72 19.17 1.68
CA GLU B 265 -0.69 18.43 0.40
C GLU B 265 -1.64 19.06 -0.58
N SER B 266 -1.48 18.72 -1.86
CA SER B 266 -2.43 19.19 -2.90
C SER B 266 -3.91 18.85 -2.51
N TRP B 267 -4.10 17.72 -1.82
CA TRP B 267 -5.44 17.22 -1.47
C TRP B 267 -6.00 17.66 -0.14
N GLY B 268 -5.19 18.22 0.75
CA GLY B 268 -5.73 18.88 1.97
C GLY B 268 -4.59 19.40 2.85
N LYS B 269 -4.98 20.17 3.88
CA LYS B 269 -4.07 20.84 4.79
C LYS B 269 -4.07 20.10 6.13
N GLN B 270 -2.96 20.19 6.83
CA GLN B 270 -2.86 19.77 8.22
C GLN B 270 -3.86 20.48 9.13
N PHE B 271 -4.37 19.75 10.13
CA PHE B 271 -5.25 20.32 11.11
C PHE B 271 -4.37 20.46 12.32
N TYR B 272 -4.28 21.69 12.84
CA TYR B 272 -3.55 22.01 14.09
C TYR B 272 -4.40 21.85 15.34
N TYR B 273 -5.69 22.06 15.18
CA TYR B 273 -6.60 22.18 16.33
C TYR B 273 -7.72 21.17 16.17
N TRP B 274 -8.15 20.59 17.28
CA TRP B 274 -9.27 19.62 17.27
C TRP B 274 -10.16 19.80 18.52
N GLY B 275 -11.48 19.73 18.34
CA GLY B 275 -12.43 19.73 19.46
C GLY B 275 -13.25 20.99 19.59
N GLU B 276 -14.50 20.82 20.02
CA GLU B 276 -15.40 21.93 20.33
C GLU B 276 -14.85 22.62 21.60
N GLY B 277 -14.77 23.93 21.55
CA GLY B 277 -14.06 24.68 22.58
C GLY B 277 -12.62 25.03 22.23
N PHE B 278 -12.04 24.36 21.24
CA PHE B 278 -10.64 24.61 20.88
C PHE B 278 -10.45 24.93 19.41
N LEU B 279 -11.49 25.30 18.65
CA LEU B 279 -11.28 25.78 17.27
C LEU B 279 -10.80 27.26 17.29
N SER B 280 -10.08 27.65 16.23
CA SER B 280 -9.64 29.05 16.04
C SER B 280 -10.70 29.96 15.38
N THR B 281 -10.80 31.20 15.89
CA THR B 281 -11.58 32.27 15.23
C THR B 281 -10.78 33.12 14.21
N THR B 282 -9.46 32.85 14.14
CA THR B 282 -8.48 33.60 13.37
C THR B 282 -7.93 32.81 12.15
N ASP B 283 -6.96 31.92 12.35
CA ASP B 283 -6.54 30.95 11.30
C ASP B 283 -7.58 29.81 11.31
N THR B 284 -8.76 30.10 10.76
CA THR B 284 -9.87 29.15 10.80
C THR B 284 -9.63 28.02 9.76
N GLU B 285 -8.67 28.25 8.85
CA GLU B 285 -8.25 27.25 7.87
C GLU B 285 -7.49 26.06 8.50
N ARG B 286 -7.15 26.14 9.79
CA ARG B 286 -6.44 25.06 10.50
C ARG B 286 -7.28 24.30 11.46
N ASN B 287 -8.57 24.57 11.37
CA ASN B 287 -9.55 23.82 12.10
C ASN B 287 -9.93 22.60 11.23
N PRO B 288 -10.44 21.51 11.86
CA PRO B 288 -10.88 20.33 11.07
C PRO B 288 -12.06 20.60 10.17
N THR B 289 -11.93 20.26 8.90
CA THR B 289 -13.02 20.30 7.94
C THR B 289 -13.79 18.94 7.85
N TRP B 290 -13.36 17.98 8.64
CA TRP B 290 -14.02 16.68 8.76
C TRP B 290 -13.43 15.97 9.98
N GLY B 291 -14.06 14.89 10.41
CA GLY B 291 -13.50 14.00 11.39
C GLY B 291 -13.52 14.53 12.82
N GLU B 292 -14.56 15.30 13.16
CA GLU B 292 -14.72 15.85 14.51
C GLU B 292 -15.42 14.83 15.41
N GLU B 293 -15.71 15.20 16.67
CA GLU B 293 -16.42 14.33 17.67
C GLU B 293 -17.62 13.45 17.14
N ALA B 294 -18.46 13.96 16.25
CA ALA B 294 -19.64 13.18 15.76
C ALA B 294 -19.20 11.99 14.88
N THR B 295 -18.16 12.22 14.09
CA THR B 295 -17.53 11.22 13.27
C THR B 295 -16.78 10.19 14.10
N ILE B 296 -16.20 10.59 15.21
CA ILE B 296 -15.61 9.60 16.10
C ILE B 296 -16.68 8.70 16.75
N ASP B 297 -17.81 9.28 17.08
CA ASP B 297 -18.92 8.54 17.73
C ASP B 297 -19.54 7.50 16.80
N GLN B 298 -19.82 7.91 15.56
CA GLN B 298 -20.41 7.09 14.52
C GLN B 298 -19.46 5.95 14.08
N LEU B 299 -18.17 6.23 13.91
CA LEU B 299 -17.18 5.21 13.56
C LEU B 299 -17.08 4.21 14.70
N PHE B 300 -16.93 4.65 15.93
CA PHE B 300 -16.90 3.68 17.04
C PHE B 300 -18.21 2.87 17.12
N ASP B 301 -19.37 3.48 16.82
CA ASP B 301 -20.68 2.75 16.72
C ASP B 301 -20.68 1.61 15.68
N LEU B 302 -20.04 1.83 14.54
CA LEU B 302 -19.92 0.80 13.57
C LEU B 302 -19.34 -0.44 14.23
N MET B 303 -18.30 -0.29 15.05
CA MET B 303 -17.62 -1.45 15.65
C MET B 303 -18.35 -2.01 16.85
N LYS B 304 -19.15 -1.16 17.50
CA LYS B 304 -20.04 -1.62 18.56
C LYS B 304 -21.08 -2.61 18.02
N THR B 305 -21.77 -2.19 16.94
CA THR B 305 -22.84 -2.99 16.35
C THR B 305 -22.19 -4.26 15.77
N LYS B 306 -21.11 -4.13 15.01
CA LYS B 306 -20.48 -5.29 14.39
C LYS B 306 -19.90 -6.30 15.35
N PHE B 307 -19.25 -5.87 16.42
CA PHE B 307 -18.49 -6.80 17.29
C PHE B 307 -19.01 -6.87 18.72
N VAL B 308 -18.89 -5.76 19.44
CA VAL B 308 -19.13 -5.69 20.85
C VAL B 308 -20.53 -6.17 21.18
N ASP B 309 -21.53 -5.71 20.40
CA ASP B 309 -22.92 -6.15 20.59
C ASP B 309 -23.00 -7.69 20.53
N GLN B 310 -22.47 -8.27 19.45
CA GLN B 310 -22.42 -9.73 19.24
C GLN B 310 -21.47 -10.49 20.20
N GLY B 311 -21.19 -9.98 21.40
CA GLY B 311 -20.21 -10.60 22.31
C GLY B 311 -18.71 -10.66 21.90
N ILE B 312 -18.26 -9.90 20.87
CA ILE B 312 -16.80 -9.85 20.47
C ILE B 312 -16.23 -8.49 20.90
N PRO B 313 -15.43 -8.45 22.00
CA PRO B 313 -14.70 -7.20 22.38
C PRO B 313 -13.75 -6.67 21.28
N VAL B 314 -13.49 -5.36 21.36
CA VAL B 314 -12.69 -4.62 20.34
C VAL B 314 -11.49 -3.91 20.97
N VAL B 315 -10.31 -4.33 20.52
CA VAL B 315 -9.06 -3.69 20.88
C VAL B 315 -8.84 -2.59 19.89
N LEU B 316 -8.75 -1.39 20.43
CA LEU B 316 -8.38 -0.24 19.69
C LEU B 316 -6.86 -0.25 19.84
N GLY B 317 -6.21 -0.97 18.94
CA GLY B 317 -4.81 -1.33 19.10
C GLY B 317 -3.84 -0.15 19.17
N GLU B 318 -4.17 0.92 18.44
CA GLU B 318 -3.33 2.10 18.37
C GLU B 318 -4.16 3.33 18.15
N PHE B 319 -3.86 4.35 18.94
CA PHE B 319 -4.34 5.71 18.68
C PHE B 319 -3.36 6.72 19.35
N SER B 320 -2.99 7.78 18.63
CA SER B 320 -2.35 8.97 19.19
C SER B 320 -2.35 10.09 18.14
N ALA B 321 -2.57 11.33 18.56
CA ALA B 321 -2.27 12.54 17.72
C ALA B 321 -0.89 13.04 18.12
N MET B 322 -0.06 13.32 17.12
CA MET B 322 1.34 13.72 17.37
C MET B 322 1.41 15.13 17.99
N ARG B 323 2.47 15.35 18.76
CA ARG B 323 2.87 16.71 19.21
C ARG B 323 3.24 17.62 18.06
N ARG B 324 2.53 18.74 17.87
CA ARG B 324 2.98 19.77 16.93
C ARG B 324 3.72 20.95 17.67
N THR B 325 4.93 20.68 18.14
CA THR B 325 5.74 21.65 18.88
C THR B 325 6.67 22.52 17.97
N ASN B 326 6.35 22.52 16.69
CA ASN B 326 6.82 23.50 15.72
C ASN B 326 5.88 24.69 15.73
N LEU B 327 4.71 24.52 16.34
CA LEU B 327 3.89 25.67 16.59
C LEU B 327 4.52 26.45 17.77
N THR B 328 4.17 27.71 17.84
CA THR B 328 4.77 28.62 18.80
C THR B 328 3.63 29.47 19.32
N GLY B 329 3.67 29.82 20.59
CA GLY B 329 2.84 30.92 21.09
C GLY B 329 1.41 30.56 21.44
N ASP B 330 0.45 31.25 20.83
CA ASP B 330 -0.98 31.03 21.12
C ASP B 330 -1.46 29.78 20.35
N ALA B 331 -0.90 29.58 19.16
CA ALA B 331 -1.16 28.45 18.30
C ALA B 331 -0.73 27.19 18.97
N LEU B 332 0.50 27.16 19.44
CA LEU B 332 0.94 26.03 20.27
C LEU B 332 -0.08 25.73 21.34
N THR B 333 -0.44 26.79 22.07
CA THR B 333 -1.39 26.70 23.18
C THR B 333 -2.78 26.13 22.82
N LEU B 334 -3.47 26.67 21.81
CA LEU B 334 -4.80 26.17 21.38
C LEU B 334 -4.67 24.69 20.83
N HIS B 335 -3.58 24.40 20.10
CA HIS B 335 -3.26 23.03 19.64
C HIS B 335 -2.97 22.04 20.77
N LEU B 336 -2.07 22.36 21.68
CA LEU B 336 -1.75 21.36 22.71
C LEU B 336 -2.97 20.99 23.59
N ALA B 337 -3.89 21.93 23.76
CA ALA B 337 -5.08 21.65 24.55
C ALA B 337 -6.16 20.86 23.73
N GLY B 338 -6.29 21.14 22.43
CA GLY B 338 -7.11 20.34 21.54
C GLY B 338 -6.62 18.91 21.39
N ARG B 339 -5.29 18.76 21.40
CA ARG B 339 -4.60 17.45 21.37
C ARG B 339 -4.74 16.64 22.65
N ALA B 340 -4.65 17.30 23.79
CA ALA B 340 -5.00 16.68 25.07
C ALA B 340 -6.47 16.19 25.03
N TYR B 341 -7.37 17.07 24.65
CA TYR B 341 -8.78 16.71 24.56
C TYR B 341 -9.11 15.67 23.45
N TYR B 342 -8.25 15.52 22.46
CA TYR B 342 -8.42 14.49 21.47
C TYR B 342 -8.23 13.16 22.12
N HIS B 343 -7.12 13.05 22.84
CA HIS B 343 -6.83 11.86 23.57
C HIS B 343 -7.90 11.52 24.60
N LYS B 344 -8.48 12.55 25.25
CA LYS B 344 -9.50 12.38 26.33
C LYS B 344 -10.79 11.78 25.77
N TYR B 345 -11.28 12.39 24.70
CA TYR B 345 -12.49 11.98 24.02
C TYR B 345 -12.35 10.61 23.31
N VAL B 346 -11.21 10.32 22.68
CA VAL B 346 -11.03 9.02 22.01
C VAL B 346 -11.10 7.94 23.09
N THR B 347 -10.34 8.11 24.16
CA THR B 347 -10.32 7.15 25.27
C THR B 347 -11.72 6.90 25.85
N GLN B 348 -12.45 8.00 26.11
CA GLN B 348 -13.79 7.98 26.70
C GLN B 348 -14.87 7.41 25.79
N GLN B 349 -14.93 7.87 24.56
CA GLN B 349 -15.89 7.33 23.64
C GLN B 349 -15.57 5.87 23.22
N ALA B 350 -14.30 5.48 23.27
CA ALA B 350 -13.92 4.07 23.00
C ALA B 350 -14.42 3.14 24.13
N LEU B 351 -14.09 3.48 25.38
CA LEU B 351 -14.58 2.73 26.55
C LEU B 351 -16.13 2.67 26.63
N ALA B 352 -16.81 3.80 26.37
CA ALA B 352 -18.29 3.84 26.36
C ALA B 352 -18.96 2.83 25.42
N ARG B 353 -18.21 2.34 24.43
CA ARG B 353 -18.68 1.51 23.35
C ARG B 353 -18.03 0.12 23.36
N GLY B 354 -17.34 -0.20 24.44
CA GLY B 354 -16.62 -1.46 24.52
C GLY B 354 -15.42 -1.61 23.58
N LEU B 355 -14.75 -0.51 23.31
CA LEU B 355 -13.40 -0.60 22.75
C LEU B 355 -12.39 -0.50 23.86
N LEU B 356 -11.26 -1.18 23.72
CA LEU B 356 -10.12 -1.02 24.68
C LEU B 356 -9.04 -0.16 23.97
N PRO B 357 -8.89 1.10 24.44
CA PRO B 357 -7.91 2.01 23.86
C PRO B 357 -6.44 1.68 24.29
N PHE B 358 -5.61 1.44 23.28
CA PHE B 358 -4.15 1.34 23.47
C PHE B 358 -3.43 2.53 22.78
N TYR B 359 -2.84 3.41 23.60
CA TYR B 359 -2.16 4.63 23.14
C TYR B 359 -0.88 4.29 22.36
N TRP B 360 -0.73 4.84 21.16
CA TRP B 360 0.49 4.62 20.37
C TRP B 360 1.55 5.66 20.76
N ASP B 361 2.55 5.14 21.46
CA ASP B 361 3.72 5.84 21.92
C ASP B 361 4.98 5.42 21.09
N ASN B 362 5.43 6.28 20.19
CA ASN B 362 6.68 5.93 19.49
C ASN B 362 7.99 6.21 20.25
N GLY B 363 7.92 6.72 21.47
CA GLY B 363 9.13 6.84 22.33
C GLY B 363 9.83 8.19 22.26
N GLY B 364 9.56 8.98 21.22
CA GLY B 364 10.23 10.25 20.95
C GLY B 364 9.56 11.46 21.60
N ASN B 365 10.38 12.44 22.02
CA ASN B 365 9.94 13.63 22.77
C ASN B 365 10.00 14.92 21.95
N ASP B 366 10.14 14.80 20.62
CA ASP B 366 10.41 15.91 19.71
C ASP B 366 9.20 16.20 18.84
N ASN B 367 9.32 17.15 17.91
CA ASN B 367 8.21 17.52 17.04
C ASN B 367 7.76 16.27 16.30
N PHE B 368 6.45 16.24 16.06
CA PHE B 368 5.76 15.19 15.32
C PHE B 368 6.02 13.82 15.86
N SER B 369 6.11 13.67 17.18
CA SER B 369 6.20 12.39 17.86
C SER B 369 5.07 12.17 18.86
N SER B 370 5.11 11.03 19.52
CA SER B 370 4.00 10.60 20.34
C SER B 370 4.45 10.06 21.67
N GLY B 371 5.74 10.10 22.00
CA GLY B 371 6.20 9.65 23.34
C GLY B 371 5.64 10.50 24.46
N ILE B 372 5.12 9.86 25.50
CA ILE B 372 4.65 10.57 26.73
C ILE B 372 5.62 10.32 27.89
N PHE B 373 6.48 9.35 27.71
CA PHE B 373 7.56 9.14 28.62
C PHE B 373 8.88 9.47 27.94
N ASN B 374 9.87 9.80 28.77
CA ASN B 374 11.26 9.88 28.36
C ASN B 374 11.83 8.57 28.77
N ARG B 375 12.00 7.70 27.77
CA ARG B 375 12.46 6.32 27.96
C ARG B 375 13.90 6.24 28.48
N GLN B 376 14.71 7.25 28.16
CA GLN B 376 16.16 7.22 28.52
C GLN B 376 16.36 7.54 30.01
N GLN B 377 15.60 8.49 30.55
CA GLN B 377 15.68 8.83 31.99
C GLN B 377 14.52 8.21 32.83
N ASN B 378 13.74 7.31 32.22
CA ASN B 378 12.56 6.66 32.83
C ASN B 378 11.68 7.61 33.65
N THR B 379 11.50 8.83 33.15
CA THR B 379 10.57 9.76 33.75
C THR B 379 9.48 10.03 32.74
N VAL B 380 8.53 10.83 33.18
CA VAL B 380 7.41 11.29 32.39
C VAL B 380 7.75 12.59 31.65
N PHE B 381 7.41 12.65 30.36
CA PHE B 381 7.66 13.79 29.49
C PHE B 381 6.41 14.59 29.16
N ASP B 382 5.25 13.96 28.96
CA ASP B 382 4.03 14.69 28.54
C ASP B 382 2.84 14.42 29.49
N GLN B 383 2.65 15.28 30.49
CA GLN B 383 1.64 15.07 31.54
C GLN B 383 0.26 15.47 31.04
N GLN B 384 0.19 16.55 30.28
CA GLN B 384 -1.09 17.02 29.75
C GLN B 384 -1.82 15.90 28.92
N VAL B 385 -1.01 15.05 28.25
CA VAL B 385 -1.48 13.89 27.47
C VAL B 385 -1.92 12.80 28.43
N LEU B 386 -1.02 12.45 29.35
CA LEU B 386 -1.23 11.40 30.34
C LEU B 386 -2.51 11.68 31.08
N ASP B 387 -2.58 12.86 31.67
CA ASP B 387 -3.77 13.26 32.41
C ASP B 387 -5.00 13.17 31.54
N ALA B 388 -4.94 13.55 30.25
CA ALA B 388 -6.15 13.49 29.40
C ALA B 388 -6.60 12.03 29.24
N LEU B 389 -5.62 11.11 29.13
CA LEU B 389 -5.88 9.68 29.01
C LEU B 389 -6.40 9.08 30.32
N LEU B 390 -5.80 9.42 31.46
CA LEU B 390 -6.29 8.87 32.75
C LEU B 390 -7.68 9.39 33.08
N GLU B 391 -7.94 10.66 32.78
CA GLU B 391 -9.28 11.23 32.91
C GLU B 391 -10.23 10.49 31.98
N GLY B 392 -9.80 10.29 30.72
CA GLY B 392 -10.63 9.62 29.72
C GLY B 392 -11.25 8.32 30.21
N ALA B 393 -10.52 7.62 31.09
CA ALA B 393 -10.97 6.39 31.76
C ALA B 393 -11.32 6.61 33.25
N GLY B 394 -12.40 7.37 33.52
CA GLY B 394 -12.88 7.65 34.89
#